data_8XHP
#
_entry.id   8XHP
#
_cell.length_a   128.966
_cell.length_b   74.233
_cell.length_c   98.046
_cell.angle_alpha   90.000
_cell.angle_beta   104.134
_cell.angle_gamma   90.000
#
_symmetry.space_group_name_H-M   'C 1 2 1'
#
loop_
_entity.id
_entity.type
_entity.pdbx_description
1 polymer 'Fe/2OG dependent dioxygenase'
2 non-polymer 'FE (II) ION'
3 non-polymer '2-OXOGLUTARIC ACID'
4 non-polymer GLYCEROL
5 water water
#
_entity_poly.entity_id   1
_entity_poly.type   'polypeptide(L)'
_entity_poly.pdbx_seq_one_letter_code
;VSTETLRLQKARATEEGLAFETPGGLTRALRDGCFLLAVPPGFDTTPGVTLCREFFRPVEQGGESTRAYRGFRDLDGVYF
DREHFQTEHVLIDGPGRERHFPPELRRMAEHMHELARHVLRTVLTELGVARELWSEVTGGAVDGRGTEWFAANHYRSERD
RLGCAPHKDTGFVTVLYIEEGGLEAATGGSWTPVDPVPGCFVVNFGGAFELLTSGLDRPVRALLHRVRQCAPRPESADRF
SFAAFVNPPPTGDLYRVGADGTATVARSTEDFLRDFNERTWGDGYADFGIAPPEPAGVAEDGVRALEHHHHHHHH
;
_entity_poly.pdbx_strand_id   A,B,C
#
loop_
_chem_comp.id
_chem_comp.type
_chem_comp.name
_chem_comp.formula
AKG non-polymer '2-OXOGLUTARIC ACID' 'C5 H6 O5'
FE2 non-polymer 'FE (II) ION' 'Fe 2'
GOL non-polymer GLYCEROL 'C3 H8 O3'
#
# COMPACT_ATOMS: atom_id res chain seq x y z
N LEU A 6 -18.80 6.42 -10.41
CA LEU A 6 -17.57 5.65 -10.57
C LEU A 6 -17.23 4.85 -9.30
N ARG A 7 -17.08 5.55 -8.18
CA ARG A 7 -16.49 4.96 -7.00
C ARG A 7 -17.54 4.30 -6.11
N LEU A 8 -17.08 3.35 -5.30
CA LEU A 8 -17.95 2.50 -4.51
C LEU A 8 -18.21 3.10 -3.14
N GLN A 9 -19.35 2.74 -2.57
CA GLN A 9 -19.60 3.01 -1.17
C GLN A 9 -18.64 2.21 -0.30
N LYS A 10 -18.32 2.76 0.87
CA LYS A 10 -17.43 2.08 1.80
C LYS A 10 -18.07 1.99 3.17
N ALA A 11 -17.99 0.81 3.78
CA ALA A 11 -18.56 0.57 5.10
C ALA A 11 -17.56 -0.19 5.96
N ARG A 12 -17.79 -0.16 7.26
CA ARG A 12 -17.11 -1.02 8.22
C ARG A 12 -18.15 -1.83 8.98
N ALA A 13 -17.81 -3.07 9.29
CA ALA A 13 -18.72 -3.96 9.99
C ALA A 13 -18.71 -3.62 11.46
N THR A 14 -19.89 -3.33 12.00
CA THR A 14 -20.07 -3.10 13.43
C THR A 14 -20.86 -4.24 14.02
N GLU A 15 -20.86 -4.30 15.36
CA GLU A 15 -21.67 -5.31 16.04
C GLU A 15 -23.13 -5.21 15.65
N GLU A 16 -23.60 -4.01 15.32
CA GLU A 16 -25.00 -3.78 14.99
C GLU A 16 -25.31 -3.90 13.50
N GLY A 17 -24.30 -3.78 12.64
CA GLY A 17 -24.54 -3.87 11.20
C GLY A 17 -23.40 -3.33 10.37
N LEU A 18 -23.68 -2.32 9.55
CA LEU A 18 -22.67 -1.71 8.68
C LEU A 18 -22.71 -0.21 8.85
N ALA A 19 -21.57 0.38 9.19
CA ALA A 19 -21.42 1.83 9.28
C ALA A 19 -20.78 2.30 7.98
N PHE A 20 -21.54 3.02 7.17
CA PHE A 20 -21.04 3.51 5.89
C PHE A 20 -20.37 4.86 6.09
N GLU A 21 -19.16 4.99 5.56
CA GLU A 21 -18.40 6.23 5.64
C GLU A 21 -18.60 7.12 4.43
N THR A 22 -19.43 6.69 3.48
CA THR A 22 -19.69 7.40 2.25
C THR A 22 -21.17 7.76 2.17
N PRO A 23 -21.53 8.83 1.45
CA PRO A 23 -22.89 9.38 1.57
C PRO A 23 -23.97 8.49 0.98
N GLY A 24 -23.67 7.72 -0.07
CA GLY A 24 -24.71 6.90 -0.68
C GLY A 24 -25.23 5.81 0.23
N GLY A 25 -24.43 5.39 1.21
CA GLY A 25 -24.83 4.40 2.18
C GLY A 25 -25.25 3.09 1.54
N LEU A 26 -25.99 2.29 2.32
CA LEU A 26 -26.44 0.99 1.85
C LEU A 26 -27.37 1.13 0.65
N THR A 27 -28.18 2.19 0.61
CA THR A 27 -29.10 2.37 -0.51
C THR A 27 -28.35 2.38 -1.83
N ARG A 28 -27.26 3.14 -1.91
CA ARG A 28 -26.50 3.18 -3.16
C ARG A 28 -25.80 1.86 -3.42
N ALA A 29 -25.33 1.19 -2.36
CA ALA A 29 -24.61 -0.07 -2.54
C ALA A 29 -25.53 -1.16 -3.09
N LEU A 30 -26.79 -1.17 -2.68
CA LEU A 30 -27.75 -2.14 -3.21
C LEU A 30 -28.01 -1.91 -4.69
N ARG A 31 -28.07 -0.64 -5.10
CA ARG A 31 -28.20 -0.33 -6.52
C ARG A 31 -26.93 -0.69 -7.29
N ASP A 32 -25.76 -0.37 -6.71
CA ASP A 32 -24.49 -0.69 -7.36
C ASP A 32 -24.24 -2.19 -7.45
N GLY A 33 -24.89 -2.99 -6.60
CA GLY A 33 -24.57 -4.40 -6.52
C GLY A 33 -23.27 -4.72 -5.82
N CYS A 34 -22.61 -3.74 -5.23
CA CYS A 34 -21.33 -3.98 -4.59
C CYS A 34 -20.96 -2.79 -3.71
N PHE A 35 -20.01 -3.01 -2.81
CA PHE A 35 -19.42 -1.95 -2.00
C PHE A 35 -18.11 -2.44 -1.42
N LEU A 36 -17.39 -1.52 -0.79
CA LEU A 36 -16.11 -1.78 -0.14
C LEU A 36 -16.34 -2.00 1.35
N LEU A 37 -15.70 -3.03 1.91
CA LEU A 37 -15.87 -3.36 3.32
C LEU A 37 -14.49 -3.41 3.98
N ALA A 38 -14.29 -2.62 5.02
CA ALA A 38 -13.02 -2.61 5.74
C ALA A 38 -12.67 -4.01 6.22
N VAL A 39 -11.42 -4.40 6.00
CA VAL A 39 -10.93 -5.65 6.58
C VAL A 39 -10.89 -5.50 8.10
N PRO A 40 -11.52 -6.40 8.87
CA PRO A 40 -11.64 -6.17 10.31
C PRO A 40 -10.30 -6.24 11.00
N PRO A 41 -10.13 -5.52 12.10
CA PRO A 41 -8.86 -5.58 12.83
C PRO A 41 -8.49 -7.01 13.22
N GLY A 42 -7.23 -7.36 13.01
CA GLY A 42 -6.73 -8.67 13.36
C GLY A 42 -6.93 -9.74 12.31
N PHE A 43 -7.66 -9.44 11.25
CA PHE A 43 -7.86 -10.40 10.17
C PHE A 43 -6.55 -10.64 9.44
N ASP A 44 -6.24 -11.93 9.18
CA ASP A 44 -5.00 -12.32 8.55
C ASP A 44 -5.28 -12.82 7.13
N THR A 45 -4.84 -12.04 6.13
CA THR A 45 -5.00 -12.43 4.73
C THR A 45 -3.90 -13.36 4.25
N THR A 46 -2.84 -13.56 5.04
CA THR A 46 -1.73 -14.39 4.62
C THR A 46 -2.14 -15.77 4.11
N PRO A 47 -3.00 -16.54 4.80
CA PRO A 47 -3.31 -17.88 4.27
C PRO A 47 -3.91 -17.85 2.88
N GLY A 48 -4.74 -16.86 2.56
CA GLY A 48 -5.32 -16.79 1.23
C GLY A 48 -4.31 -16.40 0.17
N VAL A 49 -3.44 -15.45 0.49
CA VAL A 49 -2.39 -15.08 -0.46
C VAL A 49 -1.45 -16.27 -0.71
N THR A 50 -1.10 -16.99 0.36
CA THR A 50 -0.25 -18.18 0.21
C THR A 50 -0.93 -19.23 -0.66
N LEU A 51 -2.21 -19.50 -0.40
CA LEU A 51 -2.93 -20.50 -1.20
C LEU A 51 -2.94 -20.12 -2.68
N CYS A 52 -3.19 -18.83 -2.97
CA CYS A 52 -3.29 -18.39 -4.36
C CYS A 52 -1.94 -18.48 -5.08
N ARG A 53 -0.82 -18.42 -4.35
CA ARG A 53 0.49 -18.58 -4.97
C ARG A 53 0.92 -20.04 -5.09
N GLU A 54 0.25 -20.96 -4.40
CA GLU A 54 0.74 -22.32 -4.23
C GLU A 54 -0.17 -23.40 -4.78
N PHE A 55 -1.49 -23.18 -4.81
CA PHE A 55 -2.42 -24.31 -4.96
C PHE A 55 -2.22 -25.06 -6.26
N PHE A 56 -1.74 -24.39 -7.31
CA PHE A 56 -1.62 -24.98 -8.64
C PHE A 56 -0.27 -25.62 -8.88
N ARG A 57 0.59 -25.67 -7.88
CA ARG A 57 1.91 -26.28 -8.02
C ARG A 57 1.94 -27.63 -7.32
N PRO A 58 2.84 -28.53 -7.73
CA PRO A 58 2.92 -29.84 -7.09
C PRO A 58 3.48 -29.75 -5.68
N VAL A 59 3.11 -30.75 -4.87
CA VAL A 59 3.47 -30.78 -3.47
C VAL A 59 4.99 -30.88 -3.29
N GLU A 60 5.67 -31.59 -4.19
CA GLU A 60 7.12 -31.73 -4.10
C GLU A 60 7.85 -30.44 -4.44
N GLN A 61 7.20 -29.53 -5.14
CA GLN A 61 7.84 -28.35 -5.73
C GLN A 61 7.54 -27.13 -4.87
N GLY A 62 8.33 -26.94 -3.84
CA GLY A 62 8.13 -25.84 -2.91
C GLY A 62 8.67 -26.20 -1.55
N GLY A 63 8.55 -25.25 -0.63
CA GLY A 63 9.04 -25.46 0.71
C GLY A 63 8.13 -26.34 1.54
N GLU A 64 8.73 -26.97 2.56
CA GLU A 64 7.97 -27.87 3.43
C GLU A 64 6.95 -27.12 4.28
N SER A 65 7.24 -25.87 4.66
CA SER A 65 6.34 -25.15 5.55
C SER A 65 4.97 -24.90 4.94
N THR A 66 4.86 -24.89 3.60
CA THR A 66 3.61 -24.62 2.94
C THR A 66 3.10 -25.82 2.13
N ARG A 67 3.54 -27.03 2.50
CA ARG A 67 3.14 -28.24 1.78
C ARG A 67 1.64 -28.40 1.71
N ALA A 68 0.92 -27.97 2.75
CA ALA A 68 -0.53 -28.12 2.79
C ALA A 68 -1.24 -27.20 1.80
N TYR A 69 -0.55 -26.22 1.24
CA TYR A 69 -1.13 -25.29 0.28
C TYR A 69 -0.92 -25.69 -1.17
N ARG A 70 -0.21 -26.79 -1.44
CA ARG A 70 0.08 -27.20 -2.80
C ARG A 70 -0.63 -28.50 -3.13
N GLY A 71 -0.66 -28.81 -4.43
CA GLY A 71 -1.16 -30.10 -4.88
C GLY A 71 -2.66 -30.22 -5.01
N PHE A 72 -3.39 -29.09 -5.10
CA PHE A 72 -4.83 -29.19 -5.23
C PHE A 72 -5.25 -29.75 -6.59
N ARG A 73 -4.33 -29.76 -7.57
CA ARG A 73 -4.63 -30.43 -8.84
C ARG A 73 -4.85 -31.92 -8.67
N ASP A 74 -4.38 -32.51 -7.57
CA ASP A 74 -4.53 -33.95 -7.36
C ASP A 74 -5.72 -34.32 -6.49
N LEU A 75 -6.31 -33.36 -5.78
CA LEU A 75 -7.57 -33.63 -5.12
C LEU A 75 -8.67 -33.82 -6.16
N ASP A 76 -9.79 -34.37 -5.73
CA ASP A 76 -10.89 -34.70 -6.64
C ASP A 76 -11.99 -33.65 -6.53
N GLY A 77 -12.31 -33.02 -7.66
CA GLY A 77 -13.45 -32.14 -7.77
C GLY A 77 -13.31 -30.75 -7.19
N VAL A 78 -12.10 -30.27 -6.95
CA VAL A 78 -11.91 -28.95 -6.36
C VAL A 78 -11.01 -28.04 -7.19
N TYR A 79 -10.27 -28.57 -8.15
CA TYR A 79 -9.41 -27.76 -9.01
C TYR A 79 -10.03 -27.68 -10.40
N PHE A 80 -9.99 -26.48 -10.98
CA PHE A 80 -10.60 -26.24 -12.30
C PHE A 80 -9.68 -25.38 -13.15
N ASP A 81 -9.29 -25.90 -14.31
CA ASP A 81 -8.52 -25.16 -15.31
C ASP A 81 -9.48 -24.69 -16.38
N ARG A 82 -9.71 -23.38 -16.46
CA ARG A 82 -10.59 -22.81 -17.47
C ARG A 82 -9.84 -22.74 -18.80
N GLU A 83 -10.39 -23.39 -19.83
CA GLU A 83 -9.65 -23.56 -21.07
C GLU A 83 -9.61 -22.29 -21.91
N HIS A 84 -10.62 -21.42 -21.81
CA HIS A 84 -10.69 -20.25 -22.67
C HIS A 84 -10.44 -18.95 -21.91
N PHE A 85 -9.92 -19.03 -20.69
CA PHE A 85 -9.66 -17.86 -19.88
C PHE A 85 -8.34 -18.02 -19.15
N GLN A 86 -7.83 -16.90 -18.61
CA GLN A 86 -6.56 -16.95 -17.89
C GLN A 86 -6.67 -17.68 -16.56
N THR A 87 -7.87 -17.82 -16.00
CA THR A 87 -8.00 -18.29 -14.63
C THR A 87 -7.90 -19.82 -14.50
N GLU A 88 -7.20 -20.25 -13.46
CA GLU A 88 -7.34 -21.57 -12.88
C GLU A 88 -7.71 -21.36 -11.42
N HIS A 89 -8.48 -22.28 -10.84
CA HIS A 89 -8.89 -21.98 -9.48
C HIS A 89 -9.22 -23.24 -8.68
N VAL A 90 -9.24 -23.05 -7.36
CA VAL A 90 -9.80 -23.99 -6.41
C VAL A 90 -11.20 -23.50 -6.05
N LEU A 91 -12.18 -24.41 -6.07
CA LEU A 91 -13.53 -24.11 -5.62
C LEU A 91 -13.96 -25.23 -4.69
N ILE A 92 -14.25 -24.88 -3.43
CA ILE A 92 -14.32 -25.90 -2.38
C ILE A 92 -15.37 -25.48 -1.36
N ASP A 93 -16.14 -26.45 -0.89
CA ASP A 93 -17.21 -26.19 0.06
C ASP A 93 -16.71 -26.42 1.49
N GLY A 94 -17.62 -26.30 2.45
CA GLY A 94 -17.28 -26.41 3.85
C GLY A 94 -16.64 -27.74 4.21
N PRO A 95 -17.31 -28.85 3.90
CA PRO A 95 -16.70 -30.17 4.18
C PRO A 95 -15.37 -30.38 3.49
N GLY A 96 -15.20 -29.86 2.27
CA GLY A 96 -13.91 -29.95 1.61
C GLY A 96 -12.81 -29.22 2.36
N ARG A 97 -13.13 -28.03 2.88
CA ARG A 97 -12.15 -27.28 3.66
C ARG A 97 -11.78 -27.99 4.95
N GLU A 98 -12.77 -28.65 5.58
CA GLU A 98 -12.47 -29.43 6.78
C GLU A 98 -11.46 -30.53 6.49
N ARG A 99 -11.55 -31.15 5.31
CA ARG A 99 -10.68 -32.26 4.97
C ARG A 99 -9.36 -31.83 4.34
N HIS A 100 -9.30 -30.67 3.69
CA HIS A 100 -8.17 -30.34 2.84
C HIS A 100 -7.51 -28.99 3.10
N PHE A 101 -8.08 -28.14 3.96
CA PHE A 101 -7.43 -26.89 4.30
C PHE A 101 -6.69 -27.01 5.62
N PRO A 102 -5.49 -26.45 5.72
CA PRO A 102 -4.79 -26.37 7.00
C PRO A 102 -5.56 -25.48 7.97
N PRO A 103 -5.31 -25.58 9.27
CA PRO A 103 -6.18 -24.89 10.24
C PRO A 103 -6.21 -23.39 10.09
N GLU A 104 -5.07 -22.74 9.83
CA GLU A 104 -5.07 -21.29 9.72
C GLU A 104 -5.85 -20.82 8.49
N LEU A 105 -5.82 -21.60 7.41
CA LEU A 105 -6.58 -21.25 6.21
C LEU A 105 -8.07 -21.50 6.45
N ARG A 106 -8.41 -22.63 7.08
CA ARG A 106 -9.78 -22.87 7.48
C ARG A 106 -10.33 -21.69 8.28
N ARG A 107 -9.53 -21.20 9.24
CA ARG A 107 -9.99 -20.12 10.11
C ARG A 107 -10.26 -18.84 9.34
N MET A 108 -9.38 -18.50 8.40
CA MET A 108 -9.58 -17.31 7.60
C MET A 108 -10.82 -17.43 6.72
N ALA A 109 -11.01 -18.58 6.05
CA ALA A 109 -12.23 -18.77 5.26
C ALA A 109 -13.48 -18.67 6.13
N GLU A 110 -13.45 -19.25 7.34
CA GLU A 110 -14.57 -19.13 8.27
C GLU A 110 -14.85 -17.68 8.65
N HIS A 111 -13.79 -16.89 8.86
CA HIS A 111 -13.96 -15.49 9.18
C HIS A 111 -14.58 -14.72 8.01
N MET A 112 -14.21 -15.06 6.78
CA MET A 112 -14.80 -14.39 5.62
C MET A 112 -16.27 -14.76 5.45
N HIS A 113 -16.63 -16.04 5.67
CA HIS A 113 -18.04 -16.41 5.61
C HIS A 113 -18.83 -15.75 6.74
N GLU A 114 -18.24 -15.65 7.94
CA GLU A 114 -18.87 -14.89 9.01
C GLU A 114 -19.20 -13.47 8.57
N LEU A 115 -18.22 -12.79 7.96
CA LEU A 115 -18.46 -11.43 7.49
C LEU A 115 -19.57 -11.40 6.45
N ALA A 116 -19.57 -12.37 5.53
CA ALA A 116 -20.59 -12.40 4.49
C ALA A 116 -21.97 -12.63 5.09
N ARG A 117 -22.06 -13.51 6.10
CA ARG A 117 -23.35 -13.69 6.76
C ARG A 117 -23.78 -12.45 7.52
N HIS A 118 -22.82 -11.72 8.09
CA HIS A 118 -23.15 -10.47 8.78
C HIS A 118 -23.70 -9.43 7.81
N VAL A 119 -23.13 -9.36 6.61
CA VAL A 119 -23.65 -8.49 5.57
C VAL A 119 -25.06 -8.90 5.19
N LEU A 120 -25.27 -10.21 4.99
CA LEU A 120 -26.60 -10.71 4.63
C LEU A 120 -27.63 -10.33 5.69
N ARG A 121 -27.30 -10.54 6.97
CA ARG A 121 -28.23 -10.17 8.04
C ARG A 121 -28.49 -8.66 8.06
N THR A 122 -27.45 -7.86 7.81
CA THR A 122 -27.60 -6.40 7.84
C THR A 122 -28.53 -5.93 6.73
N VAL A 123 -28.41 -6.52 5.54
CA VAL A 123 -29.25 -6.10 4.42
C VAL A 123 -30.69 -6.55 4.64
N LEU A 124 -30.89 -7.79 5.12
CA LEU A 124 -32.24 -8.23 5.46
C LEU A 124 -32.87 -7.33 6.51
N THR A 125 -32.09 -6.90 7.50
CA THR A 125 -32.62 -5.97 8.51
C THR A 125 -33.04 -4.67 7.86
N GLU A 126 -32.19 -4.12 7.00
CA GLU A 126 -32.46 -2.80 6.43
C GLU A 126 -33.62 -2.83 5.45
N LEU A 127 -33.83 -3.94 4.76
CA LEU A 127 -34.96 -4.06 3.84
C LEU A 127 -36.27 -4.42 4.54
N GLY A 128 -36.27 -4.59 5.85
CA GLY A 128 -37.51 -4.84 6.56
C GLY A 128 -38.03 -6.26 6.48
N VAL A 129 -37.19 -7.23 6.12
CA VAL A 129 -37.61 -8.62 6.15
C VAL A 129 -37.76 -9.05 7.60
N ALA A 130 -38.91 -9.64 7.92
CA ALA A 130 -39.18 -10.06 9.29
C ALA A 130 -38.09 -10.98 9.80
N ARG A 131 -37.59 -10.68 11.00
CA ARG A 131 -36.51 -11.46 11.60
C ARG A 131 -36.84 -12.95 11.65
N GLU A 132 -38.09 -13.29 11.95
CA GLU A 132 -38.46 -14.68 12.12
C GLU A 132 -38.55 -15.45 10.80
N LEU A 133 -38.35 -14.80 9.66
CA LEU A 133 -38.39 -15.47 8.36
C LEU A 133 -37.05 -15.51 7.65
N TRP A 134 -35.98 -14.97 8.24
CA TRP A 134 -34.67 -14.96 7.57
C TRP A 134 -34.24 -16.37 7.22
N SER A 135 -34.31 -17.30 8.19
CA SER A 135 -33.87 -18.67 7.93
C SER A 135 -34.64 -19.30 6.79
N GLU A 136 -35.97 -19.17 6.82
CA GLU A 136 -36.80 -19.74 5.76
C GLU A 136 -36.48 -19.12 4.41
N VAL A 137 -36.42 -17.79 4.36
CA VAL A 137 -36.25 -17.08 3.08
C VAL A 137 -34.91 -17.42 2.43
N THR A 138 -33.88 -17.68 3.22
CA THR A 138 -32.55 -17.93 2.69
C THR A 138 -32.16 -19.40 2.73
N GLY A 139 -33.08 -20.29 3.06
CA GLY A 139 -32.75 -21.71 3.17
C GLY A 139 -31.73 -22.00 4.24
N GLY A 140 -31.68 -21.18 5.30
CA GLY A 140 -30.70 -21.35 6.34
C GLY A 140 -29.34 -20.78 6.04
N ALA A 141 -29.15 -20.16 4.86
CA ALA A 141 -27.85 -19.58 4.53
C ALA A 141 -27.49 -18.45 5.48
N VAL A 142 -28.49 -17.74 5.99
CA VAL A 142 -28.26 -16.65 6.92
C VAL A 142 -27.64 -17.15 8.23
N ASP A 143 -27.84 -18.43 8.58
CA ASP A 143 -27.34 -19.01 9.80
C ASP A 143 -26.07 -19.85 9.59
N GLY A 144 -25.53 -19.85 8.37
CA GLY A 144 -24.35 -20.65 8.09
C GLY A 144 -24.61 -22.06 7.66
N ARG A 145 -25.84 -22.40 7.27
CA ARG A 145 -26.15 -23.75 6.82
C ARG A 145 -26.57 -23.79 5.36
N GLY A 146 -26.20 -22.78 4.59
CA GLY A 146 -26.23 -22.88 3.15
C GLY A 146 -24.96 -23.56 2.66
N THR A 147 -24.76 -23.51 1.35
CA THR A 147 -23.48 -23.95 0.79
C THR A 147 -22.51 -22.78 0.86
N GLU A 148 -21.40 -22.98 1.55
CA GLU A 148 -20.44 -21.89 1.76
C GLU A 148 -19.19 -22.21 0.94
N TRP A 149 -19.13 -21.64 -0.26
CA TRP A 149 -18.03 -21.87 -1.18
C TRP A 149 -16.86 -20.95 -0.88
N PHE A 150 -15.65 -21.44 -1.12
CA PHE A 150 -14.45 -20.63 -1.09
C PHE A 150 -13.72 -20.84 -2.40
N ALA A 151 -13.24 -19.74 -3.00
CA ALA A 151 -12.55 -19.81 -4.28
C ALA A 151 -11.20 -19.14 -4.17
N ALA A 152 -10.18 -19.77 -4.73
CA ALA A 152 -8.86 -19.16 -4.90
C ALA A 152 -8.57 -19.12 -6.39
N ASN A 153 -8.32 -17.92 -6.92
CA ASN A 153 -8.16 -17.70 -8.35
C ASN A 153 -6.73 -17.30 -8.66
N HIS A 154 -6.13 -17.95 -9.65
CA HIS A 154 -4.83 -17.56 -10.18
C HIS A 154 -4.98 -17.21 -11.64
N TYR A 155 -4.67 -15.96 -11.98
CA TYR A 155 -4.78 -15.48 -13.35
C TYR A 155 -3.44 -15.68 -14.05
N ARG A 156 -3.40 -16.58 -15.01
CA ARG A 156 -2.17 -16.90 -15.73
C ARG A 156 -1.99 -15.87 -16.84
N SER A 157 -1.16 -14.86 -16.58
CA SER A 157 -0.99 -13.76 -17.52
C SER A 157 -0.32 -14.19 -18.82
N GLU A 158 0.31 -15.37 -18.85
CA GLU A 158 0.91 -15.83 -20.09
C GLU A 158 -0.12 -16.30 -21.10
N ARG A 159 -1.36 -16.56 -20.65
CA ARG A 159 -2.44 -16.93 -21.57
C ARG A 159 -3.02 -15.68 -22.23
N ASP A 160 -3.13 -15.70 -23.55
CA ASP A 160 -3.67 -14.56 -24.30
C ASP A 160 -5.19 -14.68 -24.39
N ARG A 161 -5.84 -14.56 -23.23
CA ARG A 161 -7.28 -14.75 -23.10
C ARG A 161 -7.84 -13.71 -22.14
N LEU A 162 -9.17 -13.61 -22.09
CA LEU A 162 -9.81 -12.79 -21.07
C LEU A 162 -9.52 -13.37 -19.69
N GLY A 163 -9.48 -12.50 -18.68
CA GLY A 163 -9.14 -12.97 -17.35
C GLY A 163 -10.19 -13.91 -16.78
N CYS A 164 -11.45 -13.50 -16.83
CA CYS A 164 -12.53 -14.25 -16.23
C CYS A 164 -13.80 -13.95 -17.02
N ALA A 165 -14.57 -14.99 -17.32
CA ALA A 165 -15.81 -14.81 -18.05
C ALA A 165 -16.76 -13.87 -17.31
N PRO A 166 -17.57 -13.09 -18.03
CA PRO A 166 -18.60 -12.30 -17.37
C PRO A 166 -19.64 -13.20 -16.73
N HIS A 167 -20.08 -12.83 -15.53
CA HIS A 167 -21.03 -13.67 -14.81
C HIS A 167 -21.62 -12.88 -13.66
N LYS A 168 -22.74 -13.40 -13.15
CA LYS A 168 -23.23 -13.05 -11.83
C LYS A 168 -22.91 -14.20 -10.89
N ASP A 169 -22.49 -13.89 -9.67
CA ASP A 169 -22.41 -14.92 -8.65
C ASP A 169 -23.81 -15.44 -8.37
N THR A 170 -23.89 -16.72 -8.00
CA THR A 170 -25.19 -17.37 -7.91
C THR A 170 -25.88 -17.20 -6.54
N GLY A 171 -25.12 -16.88 -5.50
CA GLY A 171 -25.61 -16.92 -4.13
C GLY A 171 -26.15 -15.60 -3.61
N PHE A 172 -26.01 -15.40 -2.31
CA PHE A 172 -26.48 -14.17 -1.66
C PHE A 172 -25.39 -13.10 -1.57
N VAL A 173 -24.29 -13.41 -0.89
CA VAL A 173 -23.24 -12.43 -0.61
C VAL A 173 -21.87 -13.04 -0.91
N THR A 174 -21.02 -12.27 -1.56
CA THR A 174 -19.64 -12.65 -1.83
C THR A 174 -18.71 -11.65 -1.16
N VAL A 175 -17.70 -12.14 -0.44
CA VAL A 175 -16.66 -11.30 0.12
C VAL A 175 -15.36 -11.64 -0.60
N LEU A 176 -14.78 -10.65 -1.28
CA LEU A 176 -13.70 -10.87 -2.22
C LEU A 176 -12.47 -10.06 -1.81
N TYR A 177 -11.31 -10.69 -1.87
CA TYR A 177 -10.04 -10.04 -1.63
C TYR A 177 -9.31 -9.88 -2.96
N ILE A 178 -8.98 -8.63 -3.31
CA ILE A 178 -8.20 -8.33 -4.50
C ILE A 178 -7.13 -7.32 -4.14
N GLU A 179 -6.01 -7.35 -4.86
CA GLU A 179 -4.92 -6.40 -4.70
C GLU A 179 -4.60 -5.63 -5.96
N GLU A 180 -5.21 -5.98 -7.09
CA GLU A 180 -4.84 -5.47 -8.40
C GLU A 180 -6.11 -5.09 -9.15
N GLY A 181 -5.95 -4.16 -10.10
CA GLY A 181 -7.05 -3.82 -10.98
C GLY A 181 -7.38 -4.96 -11.94
N GLY A 182 -8.46 -4.77 -12.70
CA GLY A 182 -8.88 -5.76 -13.67
C GLY A 182 -10.34 -6.16 -13.56
N LEU A 183 -10.87 -6.17 -12.34
CA LEU A 183 -12.29 -6.42 -12.16
C LEU A 183 -13.11 -5.27 -12.74
N GLU A 184 -14.19 -5.63 -13.44
CA GLU A 184 -15.06 -4.64 -14.06
C GLU A 184 -16.51 -5.04 -13.82
N ALA A 185 -17.38 -4.04 -13.76
CA ALA A 185 -18.80 -4.26 -13.52
C ALA A 185 -19.62 -3.64 -14.63
N ALA A 186 -20.67 -4.33 -15.05
CA ALA A 186 -21.55 -3.82 -16.10
C ALA A 186 -22.56 -2.86 -15.47
N THR A 187 -22.43 -1.58 -15.78
CA THR A 187 -23.40 -0.56 -15.40
C THR A 187 -23.77 0.23 -16.64
N GLY A 188 -25.07 0.37 -16.88
CA GLY A 188 -25.50 0.83 -18.19
C GLY A 188 -25.15 -0.22 -19.23
N GLY A 189 -24.72 0.23 -20.40
CA GLY A 189 -24.28 -0.68 -21.43
C GLY A 189 -22.77 -0.73 -21.57
N SER A 190 -22.07 -0.44 -20.47
CA SER A 190 -20.62 -0.36 -20.48
C SER A 190 -20.05 -1.06 -19.26
N TRP A 191 -18.76 -1.40 -19.34
CA TRP A 191 -18.03 -1.96 -18.21
C TRP A 191 -17.33 -0.85 -17.46
N THR A 192 -17.48 -0.84 -16.13
CA THR A 192 -16.85 0.12 -15.25
C THR A 192 -15.85 -0.58 -14.34
N PRO A 193 -14.65 0.00 -14.15
CA PRO A 193 -13.63 -0.69 -13.35
C PRO A 193 -14.01 -0.72 -11.88
N VAL A 194 -13.69 -1.84 -11.23
CA VAL A 194 -13.79 -1.98 -9.77
C VAL A 194 -12.37 -2.19 -9.28
N ASP A 195 -11.76 -1.12 -8.78
CA ASP A 195 -10.35 -1.18 -8.42
C ASP A 195 -10.19 -1.47 -6.93
N PRO A 196 -9.07 -2.08 -6.54
CA PRO A 196 -8.85 -2.38 -5.12
C PRO A 196 -8.54 -1.12 -4.32
N VAL A 197 -8.93 -1.16 -3.05
CA VAL A 197 -8.67 -0.08 -2.11
C VAL A 197 -7.95 -0.66 -0.91
N PRO A 198 -6.78 -0.14 -0.52
CA PRO A 198 -6.03 -0.71 0.59
C PRO A 198 -6.87 -0.82 1.86
N GLY A 199 -6.78 -1.97 2.52
CA GLY A 199 -7.49 -2.21 3.76
C GLY A 199 -8.94 -2.59 3.62
N CYS A 200 -9.40 -2.97 2.42
CA CYS A 200 -10.79 -3.28 2.14
C CYS A 200 -10.92 -4.58 1.37
N PHE A 201 -12.00 -5.31 1.67
CA PHE A 201 -12.59 -6.30 0.78
C PHE A 201 -13.54 -5.62 -0.20
N VAL A 202 -13.79 -6.29 -1.32
CA VAL A 202 -14.93 -5.99 -2.19
C VAL A 202 -16.05 -6.96 -1.83
N VAL A 203 -17.25 -6.43 -1.64
CA VAL A 203 -18.44 -7.23 -1.36
C VAL A 203 -19.40 -7.06 -2.53
N ASN A 204 -19.93 -8.16 -3.05
CA ASN A 204 -20.98 -8.06 -4.05
C ASN A 204 -22.10 -9.03 -3.73
N PHE A 205 -23.25 -8.78 -4.33
CA PHE A 205 -24.44 -9.59 -4.13
C PHE A 205 -24.66 -10.48 -5.35
N GLY A 206 -25.33 -11.62 -5.14
CA GLY A 206 -25.50 -12.61 -6.17
C GLY A 206 -26.96 -12.83 -6.56
N GLY A 207 -27.15 -13.78 -7.48
CA GLY A 207 -28.46 -13.96 -8.10
C GLY A 207 -29.56 -14.34 -7.13
N ALA A 208 -29.23 -15.09 -6.08
CA ALA A 208 -30.25 -15.50 -5.12
C ALA A 208 -30.79 -14.31 -4.32
N PHE A 209 -29.92 -13.34 -4.00
CA PHE A 209 -30.39 -12.14 -3.31
C PHE A 209 -31.22 -11.27 -4.24
N GLU A 210 -30.84 -11.20 -5.51
CA GLU A 210 -31.62 -10.46 -6.50
C GLU A 210 -33.00 -11.07 -6.68
N LEU A 211 -33.07 -12.40 -6.79
CA LEU A 211 -34.34 -13.09 -6.92
C LEU A 211 -35.23 -12.85 -5.71
N LEU A 212 -34.65 -12.87 -4.51
CA LEU A 212 -35.38 -12.72 -3.26
C LEU A 212 -36.06 -11.36 -3.14
N THR A 213 -35.46 -10.32 -3.73
CA THR A 213 -35.80 -8.95 -3.37
C THR A 213 -36.31 -8.11 -4.53
N SER A 214 -36.62 -8.71 -5.68
CA SER A 214 -36.93 -7.91 -6.86
C SER A 214 -38.20 -7.08 -6.69
N GLY A 215 -39.10 -7.46 -5.79
CA GLY A 215 -40.31 -6.70 -5.56
C GLY A 215 -40.25 -5.68 -4.44
N LEU A 216 -39.10 -5.49 -3.82
CA LEU A 216 -39.00 -4.58 -2.68
C LEU A 216 -38.68 -3.16 -3.15
N ASP A 217 -38.80 -2.21 -2.20
CA ASP A 217 -38.54 -0.81 -2.52
C ASP A 217 -37.10 -0.59 -2.97
N ARG A 218 -36.16 -1.36 -2.43
CA ARG A 218 -34.75 -1.28 -2.81
C ARG A 218 -34.30 -2.70 -3.15
N PRO A 219 -34.54 -3.15 -4.38
CA PRO A 219 -34.10 -4.48 -4.78
C PRO A 219 -32.58 -4.59 -4.71
N VAL A 220 -32.12 -5.79 -4.37
CA VAL A 220 -30.68 -6.07 -4.38
C VAL A 220 -30.29 -6.46 -5.80
N ARG A 221 -29.32 -5.75 -6.38
CA ARG A 221 -28.85 -6.10 -7.71
C ARG A 221 -27.71 -7.10 -7.61
N ALA A 222 -27.75 -8.14 -8.41
CA ALA A 222 -26.64 -9.08 -8.54
C ALA A 222 -25.64 -8.52 -9.54
N LEU A 223 -24.41 -8.30 -9.09
CA LEU A 223 -23.40 -7.65 -9.91
C LEU A 223 -22.97 -8.54 -11.07
N LEU A 224 -23.18 -8.05 -12.29
CA LEU A 224 -22.62 -8.67 -13.48
C LEU A 224 -21.18 -8.17 -13.66
N HIS A 225 -20.21 -9.08 -13.58
CA HIS A 225 -18.82 -8.66 -13.55
C HIS A 225 -17.95 -9.62 -14.33
N ARG A 226 -16.75 -9.14 -14.66
CA ARG A 226 -15.76 -9.89 -15.42
C ARG A 226 -14.39 -9.38 -15.00
N VAL A 227 -13.33 -10.09 -15.39
CA VAL A 227 -11.96 -9.65 -15.17
C VAL A 227 -11.28 -9.52 -16.53
N ARG A 228 -10.76 -8.34 -16.83
CA ARG A 228 -10.14 -8.13 -18.13
C ARG A 228 -8.83 -8.90 -18.22
N GLN A 229 -8.34 -9.05 -19.45
CA GLN A 229 -7.09 -9.77 -19.67
C GLN A 229 -5.96 -9.11 -18.91
N CYS A 230 -5.30 -9.89 -18.06
CA CYS A 230 -4.15 -9.37 -17.32
C CYS A 230 -2.95 -9.22 -18.25
N ALA A 231 -2.24 -8.10 -18.09
CA ALA A 231 -1.03 -7.87 -18.85
C ALA A 231 0.07 -8.86 -18.44
N PRO A 232 0.92 -9.29 -19.38
CA PRO A 232 1.89 -10.33 -19.05
C PRO A 232 2.92 -9.81 -18.05
N ARG A 233 3.29 -10.68 -17.11
CA ARG A 233 4.26 -10.33 -16.08
C ARG A 233 4.75 -11.63 -15.44
N PRO A 234 5.83 -11.61 -14.65
CA PRO A 234 6.32 -12.86 -14.06
C PRO A 234 5.26 -13.55 -13.21
N GLU A 235 5.32 -14.88 -13.21
CA GLU A 235 4.27 -15.67 -12.58
C GLU A 235 4.12 -15.34 -11.10
N SER A 236 5.23 -15.11 -10.40
CA SER A 236 5.14 -14.76 -8.99
C SER A 236 4.41 -13.46 -8.75
N ALA A 237 4.19 -12.66 -9.79
CA ALA A 237 3.44 -11.41 -9.69
C ALA A 237 2.10 -11.48 -10.43
N ASP A 238 1.62 -12.67 -10.75
CA ASP A 238 0.32 -12.82 -11.39
C ASP A 238 -0.78 -12.27 -10.49
N ARG A 239 -1.84 -11.79 -11.13
CA ARG A 239 -3.03 -11.38 -10.40
C ARG A 239 -3.69 -12.58 -9.75
N PHE A 240 -4.13 -12.41 -8.51
CA PHE A 240 -4.86 -13.44 -7.79
C PHE A 240 -6.08 -12.82 -7.12
N SER A 241 -7.00 -13.68 -6.69
CA SER A 241 -8.08 -13.25 -5.82
C SER A 241 -8.58 -14.47 -5.06
N PHE A 242 -9.18 -14.22 -3.90
CA PHE A 242 -9.88 -15.30 -3.20
C PHE A 242 -11.14 -14.73 -2.57
N ALA A 243 -12.14 -15.60 -2.41
CA ALA A 243 -13.46 -15.10 -2.07
C ALA A 243 -14.23 -16.18 -1.33
N ALA A 244 -15.13 -15.73 -0.46
CA ALA A 244 -16.09 -16.59 0.23
C ALA A 244 -17.49 -16.23 -0.24
N PHE A 245 -18.26 -17.24 -0.61
CA PHE A 245 -19.62 -17.09 -1.11
C PHE A 245 -20.59 -17.78 -0.16
N VAL A 246 -21.65 -17.06 0.23
CA VAL A 246 -22.75 -17.63 1.00
C VAL A 246 -23.89 -17.89 0.02
N ASN A 247 -24.16 -19.16 -0.25
CA ASN A 247 -25.17 -19.59 -1.20
C ASN A 247 -26.31 -20.32 -0.49
N PRO A 248 -27.48 -20.39 -1.10
CA PRO A 248 -28.52 -21.29 -0.60
C PRO A 248 -28.02 -22.72 -0.55
N PRO A 249 -28.67 -23.58 0.22
CA PRO A 249 -28.29 -25.00 0.24
C PRO A 249 -28.58 -25.64 -1.10
N PRO A 250 -28.00 -26.82 -1.37
CA PRO A 250 -28.15 -27.40 -2.71
C PRO A 250 -29.59 -27.76 -3.08
N THR A 251 -30.45 -28.04 -2.10
CA THR A 251 -31.82 -28.40 -2.40
C THR A 251 -32.78 -27.69 -1.46
N GLY A 252 -34.04 -27.67 -1.86
CA GLY A 252 -35.09 -27.00 -1.13
C GLY A 252 -35.56 -25.75 -1.84
N ASP A 253 -36.62 -25.17 -1.30
CA ASP A 253 -37.17 -23.93 -1.80
C ASP A 253 -36.59 -22.75 -1.04
N LEU A 254 -36.35 -21.66 -1.74
CA LEU A 254 -36.22 -20.35 -1.14
C LEU A 254 -37.58 -19.65 -1.24
N TYR A 255 -37.68 -18.45 -0.67
CA TYR A 255 -38.93 -17.71 -0.72
C TYR A 255 -38.69 -16.25 -1.07
N ARG A 256 -39.39 -15.77 -2.11
CA ARG A 256 -39.36 -14.35 -2.45
C ARG A 256 -40.07 -13.55 -1.37
N VAL A 257 -39.60 -12.33 -1.14
CA VAL A 257 -40.13 -11.49 -0.08
C VAL A 257 -41.08 -10.47 -0.69
N GLY A 258 -42.29 -10.39 -0.12
CA GLY A 258 -43.28 -9.45 -0.60
C GLY A 258 -43.12 -8.06 0.00
N ALA A 259 -43.86 -7.12 -0.57
CA ALA A 259 -43.75 -5.72 -0.16
C ALA A 259 -44.03 -5.50 1.32
N ASP A 260 -44.79 -6.39 1.95
CA ASP A 260 -45.13 -6.25 3.37
C ASP A 260 -44.30 -7.15 4.27
N GLY A 261 -43.14 -7.61 3.80
CA GLY A 261 -42.26 -8.44 4.60
C GLY A 261 -42.63 -9.91 4.65
N THR A 262 -43.76 -10.30 4.07
CA THR A 262 -44.14 -11.70 4.04
C THR A 262 -43.22 -12.50 3.13
N ALA A 263 -42.78 -13.67 3.60
CA ALA A 263 -42.15 -14.66 2.73
C ALA A 263 -43.25 -15.25 1.86
N THR A 264 -43.36 -14.77 0.63
CA THR A 264 -44.50 -15.13 -0.21
C THR A 264 -44.21 -16.37 -1.04
N VAL A 265 -44.10 -16.20 -2.37
CA VAL A 265 -44.04 -17.36 -3.24
C VAL A 265 -42.70 -18.07 -3.10
N ALA A 266 -42.71 -19.38 -3.29
CA ALA A 266 -41.51 -20.20 -3.20
C ALA A 266 -40.83 -20.28 -4.56
N ARG A 267 -39.50 -20.36 -4.53
CA ARG A 267 -38.72 -20.51 -5.75
C ARG A 267 -37.78 -21.69 -5.62
N SER A 268 -37.82 -22.58 -6.61
CA SER A 268 -37.04 -23.81 -6.58
C SER A 268 -35.57 -23.51 -6.84
N THR A 269 -34.70 -23.98 -5.94
CA THR A 269 -33.28 -23.74 -6.08
C THR A 269 -32.71 -24.40 -7.33
N GLU A 270 -33.26 -25.57 -7.72
CA GLU A 270 -32.75 -26.26 -8.90
C GLU A 270 -33.24 -25.60 -10.19
N ASP A 271 -34.50 -25.15 -10.21
CA ASP A 271 -34.97 -24.39 -11.36
C ASP A 271 -34.25 -23.05 -11.47
N PHE A 272 -33.83 -22.47 -10.35
CA PHE A 272 -33.07 -21.23 -10.37
C PHE A 272 -31.67 -21.45 -10.95
N LEU A 273 -30.94 -22.43 -10.42
CA LEU A 273 -29.62 -22.75 -10.95
C LEU A 273 -29.69 -23.14 -12.42
N ARG A 274 -30.77 -23.83 -12.80
CA ARG A 274 -31.00 -24.20 -14.20
C ARG A 274 -31.08 -22.95 -15.06
N ASP A 275 -32.10 -22.13 -14.82
CA ASP A 275 -32.29 -20.91 -15.60
C ASP A 275 -31.12 -19.95 -15.45
N PHE A 276 -30.26 -20.14 -14.46
CA PHE A 276 -29.02 -19.37 -14.38
C PHE A 276 -28.05 -19.84 -15.46
N ASN A 277 -27.62 -21.10 -15.38
CA ASN A 277 -26.83 -21.73 -16.43
C ASN A 277 -26.84 -23.25 -16.28
N LEU B 6 -9.49 -1.58 20.06
CA LEU B 6 -9.35 -0.15 19.84
C LEU B 6 -8.67 0.14 18.51
N ARG B 7 -9.00 1.29 17.91
CA ARG B 7 -8.16 1.84 16.86
C ARG B 7 -7.29 2.93 17.45
N LEU B 8 -6.09 3.06 16.91
CA LEU B 8 -5.07 3.89 17.53
C LEU B 8 -5.23 5.36 17.16
N GLN B 9 -4.75 6.22 18.05
CA GLN B 9 -4.55 7.61 17.69
C GLN B 9 -3.43 7.73 16.66
N LYS B 10 -3.47 8.80 15.89
CA LYS B 10 -2.45 9.04 14.88
C LYS B 10 -1.96 10.47 14.98
N ALA B 11 -0.63 10.63 14.98
CA ALA B 11 0.00 11.93 15.02
C ALA B 11 1.02 12.05 13.91
N ARG B 12 1.45 13.28 13.66
CA ARG B 12 2.63 13.56 12.87
C ARG B 12 3.56 14.45 13.68
N ALA B 13 4.86 14.25 13.50
CA ALA B 13 5.85 15.02 14.25
C ALA B 13 6.01 16.39 13.63
N THR B 14 5.92 17.42 14.47
CA THR B 14 6.19 18.80 14.05
C THR B 14 7.38 19.33 14.83
N GLU B 15 7.83 20.51 14.44
CA GLU B 15 8.91 21.18 15.16
C GLU B 15 8.58 21.31 16.65
N GLU B 16 7.33 21.68 16.95
CA GLU B 16 6.92 21.95 18.33
C GLU B 16 6.55 20.69 19.10
N GLY B 17 6.20 19.61 18.42
CA GLY B 17 5.82 18.39 19.12
C GLY B 17 5.09 17.37 18.25
N LEU B 18 3.85 17.06 18.63
CA LEU B 18 3.06 16.05 17.92
C LEU B 18 1.69 16.63 17.60
N ALA B 19 1.35 16.64 16.31
CA ALA B 19 0.04 17.08 15.84
C ALA B 19 -0.84 15.85 15.62
N PHE B 20 -1.80 15.65 16.52
CA PHE B 20 -2.69 14.49 16.45
C PHE B 20 -3.86 14.78 15.52
N GLU B 21 -4.09 13.88 14.57
CA GLU B 21 -5.16 13.99 13.59
C GLU B 21 -6.44 13.29 14.03
N THR B 22 -6.40 12.60 15.16
CA THR B 22 -7.51 11.83 15.74
C THR B 22 -7.98 12.48 17.03
N PRO B 23 -9.25 12.30 17.39
CA PRO B 23 -9.81 13.11 18.50
C PRO B 23 -9.24 12.78 19.86
N GLY B 24 -8.84 11.54 20.12
CA GLY B 24 -8.35 11.18 21.44
C GLY B 24 -7.07 11.91 21.81
N GLY B 25 -6.29 12.30 20.81
CA GLY B 25 -5.07 13.05 21.02
C GLY B 25 -4.05 12.30 21.86
N LEU B 26 -3.11 13.07 22.41
CA LEU B 26 -2.06 12.49 23.23
C LEU B 26 -2.62 11.87 24.50
N THR B 27 -3.69 12.45 25.05
CA THR B 27 -4.26 11.89 26.28
C THR B 27 -4.68 10.45 26.10
N ARG B 28 -5.34 10.14 24.98
CA ARG B 28 -5.78 8.77 24.73
C ARG B 28 -4.61 7.86 24.38
N ALA B 29 -3.59 8.39 23.72
CA ALA B 29 -2.43 7.58 23.36
C ALA B 29 -1.69 7.11 24.61
N LEU B 30 -1.61 7.97 25.64
CA LEU B 30 -0.95 7.59 26.88
C LEU B 30 -1.71 6.49 27.60
N ARG B 31 -3.05 6.55 27.55
CA ARG B 31 -3.86 5.47 28.11
C ARG B 31 -3.71 4.18 27.31
N ASP B 32 -3.68 4.29 25.98
CA ASP B 32 -3.52 3.11 25.12
C ASP B 32 -2.12 2.50 25.22
N GLY B 33 -1.13 3.29 25.63
CA GLY B 33 0.24 2.83 25.61
C GLY B 33 0.90 2.84 24.25
N CYS B 34 0.23 3.35 23.22
CA CYS B 34 0.80 3.34 21.88
C CYS B 34 0.01 4.29 20.99
N PHE B 35 0.58 4.60 19.83
CA PHE B 35 -0.11 5.38 18.81
C PHE B 35 0.62 5.23 17.48
N LEU B 36 0.00 5.78 16.44
CA LEU B 36 0.56 5.77 15.09
C LEU B 36 1.25 7.10 14.82
N LEU B 37 2.45 7.02 14.24
CA LEU B 37 3.25 8.21 13.94
C LEU B 37 3.58 8.20 12.46
N ALA B 38 3.20 9.27 11.76
CA ALA B 38 3.49 9.36 10.34
C ALA B 38 4.98 9.26 10.08
N VAL B 39 5.36 8.44 9.10
CA VAL B 39 6.76 8.40 8.69
C VAL B 39 7.13 9.76 8.09
N PRO B 40 8.19 10.41 8.57
CA PRO B 40 8.46 11.78 8.13
C PRO B 40 8.86 11.81 6.66
N PRO B 41 8.59 12.91 5.97
CA PRO B 41 9.00 13.01 4.56
C PRO B 41 10.49 12.77 4.39
N GLY B 42 10.84 12.01 3.35
CA GLY B 42 12.23 11.73 3.05
C GLY B 42 12.87 10.61 3.81
N PHE B 43 12.19 10.03 4.80
CA PHE B 43 12.73 8.88 5.52
C PHE B 43 12.79 7.68 4.59
N ASP B 44 13.90 6.94 4.67
CA ASP B 44 14.13 5.78 3.81
C ASP B 44 14.13 4.53 4.68
N THR B 45 13.11 3.68 4.49
CA THR B 45 13.00 2.43 5.24
C THR B 45 13.78 1.29 4.62
N THR B 46 14.30 1.49 3.40
CA THR B 46 14.97 0.40 2.68
C THR B 46 16.10 -0.26 3.47
N PRO B 47 17.00 0.46 4.15
CA PRO B 47 18.06 -0.24 4.88
C PRO B 47 17.52 -1.19 5.94
N GLY B 48 16.41 -0.84 6.59
CA GLY B 48 15.85 -1.72 7.61
C GLY B 48 15.17 -2.94 7.02
N VAL B 49 14.46 -2.76 5.91
CA VAL B 49 13.86 -3.90 5.22
C VAL B 49 14.96 -4.83 4.70
N THR B 50 16.01 -4.25 4.10
CA THR B 50 17.10 -5.08 3.60
C THR B 50 17.78 -5.85 4.73
N LEU B 51 18.02 -5.19 5.86
CA LEU B 51 18.63 -5.87 7.00
C LEU B 51 17.77 -7.04 7.46
N CYS B 52 16.46 -6.83 7.57
CA CYS B 52 15.56 -7.86 8.04
C CYS B 52 15.45 -9.04 7.07
N ARG B 53 15.74 -8.83 5.79
CA ARG B 53 15.77 -9.92 4.82
C ARG B 53 17.11 -10.63 4.73
N GLU B 54 18.17 -10.06 5.31
CA GLU B 54 19.53 -10.53 5.04
C GLU B 54 20.33 -10.95 6.27
N PHE B 55 20.03 -10.40 7.46
CA PHE B 55 20.99 -10.46 8.55
C PHE B 55 21.32 -11.89 8.97
N PHE B 56 20.36 -12.80 8.82
CA PHE B 56 20.50 -14.19 9.26
C PHE B 56 21.11 -15.09 8.19
N ARG B 57 21.54 -14.53 7.07
CA ARG B 57 22.11 -15.33 5.99
C ARG B 57 23.64 -15.21 5.98
N PRO B 58 24.35 -16.22 5.50
CA PRO B 58 25.81 -16.11 5.43
C PRO B 58 26.25 -15.06 4.43
N VAL B 59 27.42 -14.47 4.70
CA VAL B 59 27.96 -13.39 3.90
C VAL B 59 28.05 -13.76 2.42
N GLU B 60 28.28 -15.04 2.13
CA GLU B 60 28.51 -15.45 0.76
C GLU B 60 27.22 -15.71 -0.01
N GLN B 61 26.09 -15.93 0.67
CA GLN B 61 24.84 -16.32 0.02
C GLN B 61 23.99 -15.09 -0.25
N GLY B 62 24.34 -14.36 -1.29
CA GLY B 62 23.58 -13.18 -1.67
C GLY B 62 24.37 -12.33 -2.63
N GLY B 63 23.73 -11.22 -3.02
CA GLY B 63 24.37 -10.30 -3.94
C GLY B 63 25.51 -9.53 -3.30
N GLU B 64 26.45 -9.10 -4.13
CA GLU B 64 27.63 -8.39 -3.63
C GLU B 64 27.26 -7.05 -3.01
N SER B 65 26.19 -6.41 -3.51
CA SER B 65 25.86 -5.07 -3.05
C SER B 65 25.27 -5.04 -1.65
N THR B 66 24.77 -6.17 -1.16
CA THR B 66 24.15 -6.24 0.16
C THR B 66 24.98 -7.05 1.15
N ARG B 67 26.27 -7.24 0.86
CA ARG B 67 27.13 -8.07 1.70
C ARG B 67 27.27 -7.53 3.12
N ALA B 68 27.19 -6.21 3.29
CA ALA B 68 27.31 -5.64 4.63
C ALA B 68 26.08 -5.89 5.48
N TYR B 69 24.99 -6.39 4.89
CA TYR B 69 23.76 -6.68 5.59
C TYR B 69 23.64 -8.14 6.03
N ARG B 70 24.63 -8.97 5.71
CA ARG B 70 24.58 -10.39 6.02
C ARG B 70 25.65 -10.75 7.06
N GLY B 71 25.51 -11.96 7.61
CA GLY B 71 26.53 -12.53 8.46
C GLY B 71 26.48 -12.12 9.91
N PHE B 72 25.34 -11.63 10.40
CA PHE B 72 25.26 -11.18 11.79
C PHE B 72 25.23 -12.32 12.79
N ARG B 73 25.09 -13.57 12.34
CA ARG B 73 25.22 -14.70 13.24
C ARG B 73 26.65 -14.90 13.73
N ASP B 74 27.64 -14.41 12.99
CA ASP B 74 29.03 -14.54 13.37
C ASP B 74 29.49 -13.46 14.34
N LEU B 75 28.66 -12.45 14.58
CA LEU B 75 28.93 -11.44 15.60
C LEU B 75 28.14 -11.85 16.84
N ASP B 76 28.80 -12.58 17.73
CA ASP B 76 28.14 -12.99 18.96
C ASP B 76 27.89 -11.77 19.85
N GLY B 77 26.84 -11.86 20.66
CA GLY B 77 26.41 -10.75 21.45
C GLY B 77 25.40 -9.83 20.79
N VAL B 78 25.14 -10.02 19.49
CA VAL B 78 24.14 -9.22 18.79
C VAL B 78 23.08 -10.07 18.10
N TYR B 79 23.37 -11.32 17.74
CA TYR B 79 22.38 -12.20 17.15
C TYR B 79 21.77 -13.09 18.22
N PHE B 80 20.44 -13.22 18.18
CA PHE B 80 19.70 -14.02 19.14
C PHE B 80 18.72 -14.91 18.40
N ASP B 81 18.81 -16.22 18.66
CA ASP B 81 17.91 -17.22 18.08
C ASP B 81 17.07 -17.74 19.23
N ARG B 82 15.77 -17.45 19.21
CA ARG B 82 14.89 -17.83 20.31
C ARG B 82 14.34 -19.22 20.05
N GLU B 83 14.57 -20.13 21.02
CA GLU B 83 14.26 -21.53 20.84
C GLU B 83 12.76 -21.77 20.69
N HIS B 84 11.96 -21.15 21.56
CA HIS B 84 10.55 -21.46 21.68
C HIS B 84 9.65 -20.48 20.92
N PHE B 85 10.21 -19.68 20.03
CA PHE B 85 9.44 -18.68 19.30
C PHE B 85 9.91 -18.63 17.85
N GLN B 86 9.10 -18.00 17.00
CA GLN B 86 9.45 -17.89 15.59
C GLN B 86 10.57 -16.89 15.35
N THR B 87 10.82 -15.97 16.28
CA THR B 87 11.66 -14.83 16.01
C THR B 87 13.14 -15.15 16.21
N GLU B 88 13.95 -14.78 15.23
CA GLU B 88 15.37 -14.55 15.40
C GLU B 88 15.62 -13.06 15.18
N HIS B 89 16.60 -12.50 15.89
CA HIS B 89 16.78 -11.07 15.75
C HIS B 89 18.21 -10.64 16.00
N VAL B 90 18.53 -9.47 15.47
CA VAL B 90 19.72 -8.70 15.84
C VAL B 90 19.27 -7.67 16.86
N LEU B 91 20.03 -7.54 17.95
CA LEU B 91 19.83 -6.51 18.96
C LEU B 91 21.17 -5.84 19.18
N ILE B 92 21.25 -4.53 18.95
CA ILE B 92 22.54 -3.87 18.83
C ILE B 92 22.42 -2.45 19.37
N ASP B 93 23.44 -2.01 20.09
CA ASP B 93 23.45 -0.69 20.69
C ASP B 93 24.18 0.29 19.76
N GLY B 94 24.36 1.53 20.23
CA GLY B 94 24.97 2.56 19.44
C GLY B 94 26.37 2.25 18.96
N PRO B 95 27.29 1.96 19.89
CA PRO B 95 28.66 1.59 19.47
C PRO B 95 28.69 0.39 18.54
N GLY B 96 27.83 -0.60 18.76
CA GLY B 96 27.76 -1.74 17.87
C GLY B 96 27.38 -1.37 16.46
N ARG B 97 26.46 -0.41 16.30
CA ARG B 97 26.07 0.03 14.97
C ARG B 97 27.22 0.78 14.29
N GLU B 98 28.00 1.54 15.07
CA GLU B 98 29.14 2.26 14.51
C GLU B 98 30.14 1.30 13.86
N ARG B 99 30.29 0.10 14.39
CA ARG B 99 31.29 -0.83 13.91
C ARG B 99 30.75 -1.90 12.98
N HIS B 100 29.43 -2.12 12.95
CA HIS B 100 28.86 -3.22 12.16
C HIS B 100 27.76 -2.81 11.19
N PHE B 101 27.23 -1.59 11.27
CA PHE B 101 26.20 -1.17 10.33
C PHE B 101 26.81 -0.32 9.22
N PRO B 102 26.44 -0.56 7.96
CA PRO B 102 26.87 0.35 6.89
C PRO B 102 26.25 1.72 7.07
N PRO B 103 26.82 2.75 6.44
CA PRO B 103 26.41 4.13 6.79
C PRO B 103 24.94 4.43 6.56
N GLU B 104 24.36 3.92 5.47
CA GLU B 104 22.96 4.22 5.19
C GLU B 104 22.02 3.59 6.22
N LEU B 105 22.41 2.45 6.81
CA LEU B 105 21.62 1.83 7.86
C LEU B 105 21.83 2.52 9.19
N ARG B 106 23.09 2.86 9.50
CA ARG B 106 23.40 3.69 10.66
C ARG B 106 22.58 4.97 10.65
N ARG B 107 22.46 5.62 9.49
CA ARG B 107 21.70 6.87 9.40
C ARG B 107 20.21 6.63 9.63
N MET B 108 19.66 5.55 9.07
CA MET B 108 18.24 5.26 9.28
C MET B 108 17.95 5.04 10.76
N ALA B 109 18.80 4.26 11.44
CA ALA B 109 18.58 3.99 12.85
C ALA B 109 18.67 5.27 13.67
N GLU B 110 19.61 6.14 13.31
CA GLU B 110 19.75 7.42 14.01
C GLU B 110 18.50 8.28 13.84
N HIS B 111 17.92 8.29 12.64
CA HIS B 111 16.70 9.06 12.43
C HIS B 111 15.54 8.50 13.26
N MET B 112 15.48 7.18 13.41
CA MET B 112 14.43 6.58 14.23
C MET B 112 14.62 6.92 15.70
N HIS B 113 15.86 6.91 16.19
CA HIS B 113 16.07 7.32 17.57
C HIS B 113 15.78 8.80 17.77
N GLU B 114 16.12 9.63 16.77
CA GLU B 114 15.77 11.05 16.85
C GLU B 114 14.26 11.24 16.99
N LEU B 115 13.48 10.46 16.23
CA LEU B 115 12.03 10.53 16.35
C LEU B 115 11.56 10.09 17.73
N ALA B 116 12.19 9.05 18.28
CA ALA B 116 11.79 8.55 19.58
C ALA B 116 12.11 9.56 20.69
N ARG B 117 13.28 10.21 20.61
CA ARG B 117 13.59 11.23 21.59
C ARG B 117 12.65 12.43 21.45
N HIS B 118 12.25 12.75 20.22
CA HIS B 118 11.28 13.82 20.00
C HIS B 118 9.95 13.50 20.67
N VAL B 119 9.51 12.25 20.57
CA VAL B 119 8.28 11.83 21.25
C VAL B 119 8.45 11.96 22.76
N LEU B 120 9.58 11.49 23.28
CA LEU B 120 9.85 11.59 24.72
C LEU B 120 9.77 13.04 25.17
N ARG B 121 10.43 13.95 24.45
CA ARG B 121 10.39 15.36 24.81
C ARG B 121 8.97 15.91 24.75
N THR B 122 8.21 15.52 23.72
CA THR B 122 6.84 16.00 23.59
C THR B 122 5.97 15.52 24.76
N VAL B 123 6.13 14.27 25.18
CA VAL B 123 5.30 13.76 26.27
C VAL B 123 5.69 14.42 27.58
N LEU B 124 6.99 14.60 27.82
CA LEU B 124 7.43 15.30 29.02
C LEU B 124 6.88 16.72 29.07
N THR B 125 6.83 17.40 27.92
CA THR B 125 6.27 18.73 27.88
C THR B 125 4.78 18.71 28.24
N GLU B 126 4.03 17.81 27.61
CA GLU B 126 2.59 17.77 27.83
C GLU B 126 2.23 17.36 29.24
N LEU B 127 3.06 16.52 29.88
CA LEU B 127 2.78 16.10 31.25
C LEU B 127 3.23 17.12 32.29
N GLY B 128 3.80 18.24 31.87
CA GLY B 128 4.20 19.28 32.81
C GLY B 128 5.50 19.04 33.53
N VAL B 129 6.32 18.11 33.05
CA VAL B 129 7.63 17.85 33.67
C VAL B 129 8.55 19.04 33.42
N ALA B 130 9.16 19.54 34.48
CA ALA B 130 9.99 20.75 34.38
C ALA B 130 11.11 20.54 33.38
N ARG B 131 11.22 21.49 32.44
CA ARG B 131 12.21 21.37 31.36
C ARG B 131 13.61 21.12 31.91
N GLU B 132 13.95 21.78 33.01
CA GLU B 132 15.29 21.69 33.58
C GLU B 132 15.57 20.37 34.29
N LEU B 133 14.58 19.48 34.39
CA LEU B 133 14.78 18.17 35.02
C LEU B 133 14.62 17.01 34.06
N TRP B 134 14.35 17.25 32.77
CA TRP B 134 14.22 16.16 31.80
C TRP B 134 15.44 15.25 31.79
N SER B 135 16.64 15.84 31.74
CA SER B 135 17.85 15.03 31.66
C SER B 135 18.02 14.17 32.91
N GLU B 136 17.80 14.77 34.08
CA GLU B 136 17.91 14.04 35.34
C GLU B 136 16.93 12.89 35.40
N VAL B 137 15.66 13.13 35.06
CA VAL B 137 14.64 12.10 35.27
C VAL B 137 14.80 10.95 34.29
N THR B 138 15.38 11.18 33.12
CA THR B 138 15.57 10.13 32.13
C THR B 138 17.01 9.61 32.08
N GLY B 139 17.86 10.03 33.01
CA GLY B 139 19.26 9.63 32.98
C GLY B 139 19.97 10.05 31.70
N GLY B 140 19.53 11.14 31.08
CA GLY B 140 20.12 11.60 29.83
C GLY B 140 19.54 10.97 28.58
N ALA B 141 18.61 10.03 28.71
CA ALA B 141 18.02 9.39 27.53
C ALA B 141 17.31 10.41 26.64
N VAL B 142 16.73 11.44 27.25
CA VAL B 142 16.04 12.48 26.50
C VAL B 142 17.00 13.23 25.57
N ASP B 143 18.30 13.17 25.85
CA ASP B 143 19.31 13.91 25.11
C ASP B 143 20.10 13.05 24.14
N GLY B 144 19.82 11.75 24.07
CA GLY B 144 20.59 10.85 23.23
C GLY B 144 21.73 10.14 23.91
N ARG B 145 21.81 10.21 25.24
CA ARG B 145 22.90 9.61 26.00
C ARG B 145 22.41 8.49 26.91
N GLY B 146 21.27 7.89 26.59
CA GLY B 146 20.89 6.62 27.17
C GLY B 146 21.43 5.48 26.32
N THR B 147 20.90 4.29 26.55
CA THR B 147 21.20 3.15 25.71
C THR B 147 20.19 3.16 24.56
N GLU B 148 20.69 3.28 23.34
CA GLU B 148 19.82 3.40 22.17
C GLU B 148 19.93 2.09 21.39
N TRP B 149 18.98 1.19 21.64
CA TRP B 149 18.95 -0.12 21.01
C TRP B 149 18.27 -0.06 19.64
N PHE B 150 18.72 -0.94 18.75
CA PHE B 150 18.05 -1.19 17.48
C PHE B 150 17.83 -2.69 17.36
N ALA B 151 16.62 -3.08 16.94
CA ALA B 151 16.30 -4.49 16.77
C ALA B 151 15.79 -4.74 15.36
N ALA B 152 16.26 -5.83 14.76
CA ALA B 152 15.76 -6.33 13.49
C ALA B 152 15.20 -7.73 13.74
N ASN B 153 13.91 -7.92 13.49
CA ASN B 153 13.23 -9.16 13.84
C ASN B 153 12.82 -9.90 12.58
N HIS B 154 13.17 -11.18 12.50
CA HIS B 154 12.73 -12.06 11.41
C HIS B 154 11.89 -13.18 12.02
N TYR B 155 10.65 -13.27 11.57
CA TYR B 155 9.68 -14.24 12.09
C TYR B 155 9.69 -15.46 11.19
N ARG B 156 10.27 -16.55 11.68
CA ARG B 156 10.40 -17.79 10.91
C ARG B 156 9.06 -18.52 10.95
N SER B 157 8.23 -18.31 9.92
CA SER B 157 6.90 -18.91 9.91
C SER B 157 6.93 -20.42 9.81
N GLU B 158 8.06 -21.01 9.40
CA GLU B 158 8.18 -22.46 9.36
C GLU B 158 8.10 -23.07 10.75
N ARG B 159 8.31 -22.28 11.80
CA ARG B 159 8.29 -22.78 13.17
C ARG B 159 6.87 -22.71 13.74
N ASP B 160 6.44 -23.83 14.31
CA ASP B 160 5.10 -23.96 14.90
C ASP B 160 5.15 -23.43 16.33
N ARG B 161 5.38 -22.13 16.45
CA ARG B 161 5.53 -21.46 17.74
CA ARG B 161 5.53 -21.46 17.74
C ARG B 161 4.85 -20.10 17.70
N LEU B 162 4.65 -19.53 18.88
CA LEU B 162 4.23 -18.14 18.99
C LEU B 162 5.26 -17.24 18.31
N GLY B 163 4.79 -16.13 17.75
CA GLY B 163 5.71 -15.24 17.06
C GLY B 163 6.68 -14.56 18.01
N CYS B 164 6.16 -13.96 19.07
CA CYS B 164 6.95 -13.20 20.02
C CYS B 164 6.32 -13.30 21.40
N ALA B 165 7.15 -13.52 22.41
CA ALA B 165 6.64 -13.66 23.77
C ALA B 165 5.96 -12.36 24.22
N PRO B 166 4.97 -12.45 25.10
CA PRO B 166 4.37 -11.24 25.67
C PRO B 166 5.39 -10.50 26.52
N HIS B 167 5.41 -9.18 26.37
CA HIS B 167 6.39 -8.40 27.12
C HIS B 167 6.00 -6.93 27.09
N LYS B 168 6.56 -6.18 28.03
CA LYS B 168 6.68 -4.74 27.91
C LYS B 168 8.11 -4.41 27.49
N ASP B 169 8.24 -3.39 26.63
CA ASP B 169 9.56 -2.83 26.38
C ASP B 169 10.07 -2.18 27.66
N THR B 170 11.39 -2.23 27.84
CA THR B 170 11.96 -1.81 29.12
C THR B 170 12.23 -0.31 29.20
N GLY B 171 12.34 0.38 28.07
CA GLY B 171 12.81 1.74 28.03
C GLY B 171 11.71 2.78 28.10
N PHE B 172 11.94 3.92 27.45
CA PHE B 172 10.97 5.01 27.47
C PHE B 172 10.06 4.96 26.26
N VAL B 173 10.63 5.04 25.06
CA VAL B 173 9.87 5.14 23.81
C VAL B 173 10.46 4.18 22.78
N THR B 174 9.57 3.49 22.06
CA THR B 174 9.91 2.59 20.97
C THR B 174 9.28 3.10 19.68
N VAL B 175 10.06 3.18 18.61
CA VAL B 175 9.55 3.49 17.28
C VAL B 175 9.70 2.22 16.44
N LEU B 176 8.57 1.67 16.00
CA LEU B 176 8.53 0.36 15.38
C LEU B 176 8.02 0.47 13.95
N TYR B 177 8.68 -0.25 13.04
CA TYR B 177 8.22 -0.37 11.66
C TYR B 177 7.66 -1.76 11.45
N ILE B 178 6.38 -1.85 11.08
CA ILE B 178 5.74 -3.11 10.72
C ILE B 178 4.98 -2.91 9.41
N GLU B 179 4.86 -3.99 8.64
CA GLU B 179 4.07 -4.00 7.42
C GLU B 179 2.93 -5.01 7.44
N GLU B 180 2.90 -5.90 8.41
CA GLU B 180 1.98 -7.03 8.43
C GLU B 180 1.32 -7.10 9.80
N GLY B 181 0.11 -7.68 9.83
CA GLY B 181 -0.57 -7.90 11.09
C GLY B 181 0.17 -8.93 11.94
N GLY B 182 -0.31 -9.09 13.18
CA GLY B 182 0.28 -10.05 14.08
C GLY B 182 0.57 -9.50 15.47
N LEU B 183 0.89 -8.21 15.54
CA LEU B 183 1.09 -7.56 16.81
C LEU B 183 -0.22 -7.42 17.56
N GLU B 184 -0.19 -7.71 18.87
CA GLU B 184 -1.38 -7.63 19.71
C GLU B 184 -1.02 -6.98 21.04
N ALA B 185 -1.98 -6.29 21.63
CA ALA B 185 -1.80 -5.58 22.89
C ALA B 185 -2.82 -6.03 23.91
N ALA B 186 -2.41 -6.15 25.17
CA ALA B 186 -3.31 -6.53 26.25
C ALA B 186 -4.10 -5.30 26.70
N THR B 187 -5.43 -5.38 26.61
CA THR B 187 -6.29 -4.23 26.91
C THR B 187 -6.94 -4.36 28.28
N GLY B 188 -7.91 -5.27 28.40
CA GLY B 188 -8.45 -5.62 29.70
C GLY B 188 -7.90 -6.95 30.13
N GLY B 189 -8.64 -8.03 29.86
CA GLY B 189 -8.11 -9.36 30.02
C GLY B 189 -7.95 -10.03 28.67
N SER B 190 -7.89 -9.23 27.61
CA SER B 190 -7.91 -9.74 26.25
C SER B 190 -6.75 -9.15 25.43
N TRP B 191 -6.39 -9.87 24.39
CA TRP B 191 -5.42 -9.41 23.40
C TRP B 191 -6.16 -8.71 22.26
N THR B 192 -5.67 -7.54 21.88
CA THR B 192 -6.32 -6.77 20.83
C THR B 192 -5.33 -6.47 19.71
N PRO B 193 -5.77 -6.52 18.46
CA PRO B 193 -4.82 -6.38 17.35
C PRO B 193 -4.28 -4.97 17.22
N VAL B 194 -3.00 -4.89 16.88
CA VAL B 194 -2.36 -3.63 16.49
C VAL B 194 -1.87 -3.83 15.06
N ASP B 195 -2.68 -3.38 14.09
CA ASP B 195 -2.41 -3.64 12.69
C ASP B 195 -1.63 -2.48 12.07
N PRO B 196 -0.83 -2.76 11.03
CA PRO B 196 -0.07 -1.69 10.39
C PRO B 196 -0.96 -0.76 9.59
N VAL B 197 -0.53 0.49 9.48
CA VAL B 197 -1.21 1.51 8.69
C VAL B 197 -0.20 2.08 7.70
N PRO B 198 -0.52 2.13 6.41
CA PRO B 198 0.48 2.61 5.44
C PRO B 198 0.95 4.01 5.77
N GLY B 199 2.26 4.22 5.65
CA GLY B 199 2.85 5.52 5.90
C GLY B 199 3.05 5.89 7.36
N CYS B 200 2.99 4.91 8.27
CA CYS B 200 3.09 5.17 9.71
C CYS B 200 4.03 4.18 10.37
N PHE B 201 4.71 4.66 11.40
CA PHE B 201 5.31 3.83 12.44
C PHE B 201 4.28 3.56 13.52
N VAL B 202 4.53 2.50 14.28
CA VAL B 202 3.87 2.26 15.56
C VAL B 202 4.82 2.74 16.66
N VAL B 203 4.32 3.60 17.55
CA VAL B 203 5.10 4.08 18.69
C VAL B 203 4.48 3.50 19.95
N ASN B 204 5.30 2.96 20.84
CA ASN B 204 4.77 2.54 22.12
C ASN B 204 5.73 2.98 23.23
N PHE B 205 5.20 2.96 24.44
CA PHE B 205 5.95 3.38 25.61
C PHE B 205 6.39 2.15 26.39
N GLY B 206 7.50 2.29 27.13
CA GLY B 206 8.08 1.19 27.85
C GLY B 206 8.03 1.35 29.36
N GLY B 207 8.59 0.36 30.04
CA GLY B 207 8.43 0.27 31.49
C GLY B 207 9.06 1.43 32.24
N ALA B 208 10.17 1.97 31.73
CA ALA B 208 10.81 3.09 32.40
C ALA B 208 9.90 4.32 32.38
N PHE B 209 9.15 4.52 31.30
CA PHE B 209 8.26 5.68 31.23
C PHE B 209 7.08 5.52 32.18
N GLU B 210 6.56 4.29 32.29
CA GLU B 210 5.48 4.00 33.23
C GLU B 210 5.91 4.24 34.67
N LEU B 211 7.13 3.80 35.01
CA LEU B 211 7.64 4.01 36.36
C LEU B 211 7.79 5.49 36.68
N LEU B 212 8.18 6.29 35.68
CA LEU B 212 8.43 7.72 35.88
C LEU B 212 7.15 8.49 36.17
N THR B 213 6.01 8.02 35.66
CA THR B 213 4.81 8.84 35.58
C THR B 213 3.61 8.24 36.31
N SER B 214 3.81 7.16 37.08
CA SER B 214 2.69 6.48 37.71
C SER B 214 1.88 7.38 38.64
N GLY B 215 2.47 8.47 39.14
CA GLY B 215 1.77 9.35 40.04
C GLY B 215 1.11 10.56 39.42
N LEU B 216 1.19 10.72 38.11
CA LEU B 216 0.70 11.92 37.44
C LEU B 216 -0.78 11.77 37.06
N ASP B 217 -1.37 12.90 36.65
CA ASP B 217 -2.77 12.91 36.24
C ASP B 217 -3.01 12.03 35.01
N ARG B 218 -2.01 11.90 34.15
CA ARG B 218 -2.09 11.06 32.95
C ARG B 218 -0.86 10.18 32.94
N PRO B 219 -0.88 9.06 33.67
CA PRO B 219 0.27 8.15 33.66
C PRO B 219 0.50 7.58 32.28
N VAL B 220 1.78 7.39 31.95
CA VAL B 220 2.15 6.70 30.72
C VAL B 220 2.06 5.20 30.96
N ARG B 221 1.29 4.50 30.14
CA ARG B 221 1.19 3.07 30.28
C ARG B 221 2.18 2.38 29.35
N ALA B 222 2.91 1.41 29.90
CA ALA B 222 3.81 0.59 29.10
C ALA B 222 3.04 -0.54 28.46
N LEU B 223 3.01 -0.55 27.13
CA LEU B 223 2.18 -1.50 26.38
C LEU B 223 2.68 -2.93 26.60
N LEU B 224 1.82 -3.80 27.09
CA LEU B 224 2.08 -5.23 27.13
C LEU B 224 1.63 -5.82 25.80
N HIS B 225 2.57 -6.38 25.05
CA HIS B 225 2.27 -6.80 23.69
C HIS B 225 2.97 -8.11 23.36
N ARG B 226 2.52 -8.72 22.27
CA ARG B 226 3.07 -9.98 21.77
C ARG B 226 2.79 -10.03 20.27
N VAL B 227 3.42 -10.99 19.60
CA VAL B 227 3.15 -11.24 18.19
C VAL B 227 2.60 -12.66 18.05
N ARG B 228 1.40 -12.79 17.49
CA ARG B 228 0.80 -14.08 17.24
C ARG B 228 1.68 -14.93 16.33
N GLN B 229 1.42 -16.24 16.36
CA GLN B 229 2.07 -17.13 15.43
C GLN B 229 1.76 -16.70 14.00
N CYS B 230 2.82 -16.48 13.21
CA CYS B 230 2.65 -16.11 11.81
C CYS B 230 2.25 -17.33 10.99
N ALA B 231 1.31 -17.14 10.08
CA ALA B 231 0.89 -18.24 9.22
C ALA B 231 2.03 -18.61 8.26
N PRO B 232 2.11 -19.89 7.88
CA PRO B 232 3.22 -20.32 7.01
C PRO B 232 3.12 -19.67 5.63
N ARG B 233 4.28 -19.27 5.12
CA ARG B 233 4.38 -18.67 3.79
C ARG B 233 5.83 -18.78 3.35
N PRO B 234 6.11 -18.53 2.07
CA PRO B 234 7.51 -18.59 1.59
C PRO B 234 8.42 -17.71 2.42
N GLU B 235 9.64 -18.22 2.68
CA GLU B 235 10.55 -17.53 3.59
C GLU B 235 10.84 -16.11 3.13
N SER B 236 10.90 -15.88 1.81
CA SER B 236 11.15 -14.54 1.29
C SER B 236 10.07 -13.54 1.69
N ALA B 237 8.90 -14.01 2.11
CA ALA B 237 7.80 -13.16 2.54
C ALA B 237 7.49 -13.31 4.02
N ASP B 238 8.45 -13.80 4.81
CA ASP B 238 8.25 -13.90 6.25
C ASP B 238 7.99 -12.52 6.85
N ARG B 239 7.25 -12.50 7.95
CA ARG B 239 7.02 -11.26 8.67
C ARG B 239 8.33 -10.73 9.25
N PHE B 240 8.50 -9.41 9.21
CA PHE B 240 9.67 -8.78 9.79
C PHE B 240 9.24 -7.51 10.51
N SER B 241 10.13 -7.02 11.38
CA SER B 241 9.96 -5.70 11.98
C SER B 241 11.33 -5.19 12.38
N PHE B 242 11.44 -3.87 12.49
CA PHE B 242 12.65 -3.30 13.05
C PHE B 242 12.26 -2.10 13.90
N ALA B 243 13.04 -1.85 14.94
CA ALA B 243 12.61 -0.90 15.96
C ALA B 243 13.80 -0.19 16.58
N ALA B 244 13.57 1.07 16.96
CA ALA B 244 14.53 1.84 17.73
C ALA B 244 13.94 2.09 19.11
N PHE B 245 14.71 1.75 20.15
CA PHE B 245 14.31 1.91 21.54
C PHE B 245 15.19 2.96 22.19
N VAL B 246 14.58 3.89 22.93
CA VAL B 246 15.31 4.85 23.75
C VAL B 246 15.18 4.40 25.20
N ASN B 247 16.29 3.95 25.78
CA ASN B 247 16.34 3.37 27.12
C ASN B 247 17.18 4.23 28.05
N PRO B 248 16.95 4.13 29.36
CA PRO B 248 17.88 4.74 30.32
C PRO B 248 19.28 4.18 30.11
N PRO B 249 20.31 4.89 30.57
CA PRO B 249 21.66 4.34 30.51
C PRO B 249 21.76 3.13 31.42
N PRO B 250 22.79 2.29 31.25
CA PRO B 250 22.93 1.12 32.14
C PRO B 250 23.28 1.49 33.57
N THR B 251 23.90 2.64 33.81
CA THR B 251 24.27 3.08 35.15
C THR B 251 23.45 4.29 35.57
N GLY B 252 23.02 4.30 36.83
CA GLY B 252 22.48 5.49 37.44
C GLY B 252 21.13 5.27 38.07
N ASP B 253 20.66 6.31 38.75
CA ASP B 253 19.30 6.35 39.27
C ASP B 253 18.38 7.00 38.25
N LEU B 254 17.18 6.45 38.12
CA LEU B 254 16.09 7.16 37.48
C LEU B 254 15.24 7.82 38.55
N TYR B 255 14.53 8.86 38.18
CA TYR B 255 13.68 9.56 39.13
C TYR B 255 12.22 9.33 38.79
N ARG B 256 11.37 9.65 39.76
CA ARG B 256 9.93 9.57 39.63
C ARG B 256 9.39 11.00 39.70
N VAL B 257 8.43 11.33 38.83
CA VAL B 257 7.90 12.68 38.79
C VAL B 257 6.72 12.77 39.73
N GLY B 258 6.78 13.71 40.67
CA GLY B 258 5.65 13.97 41.54
C GLY B 258 4.63 14.88 40.89
N ALA B 259 3.42 14.84 41.42
CA ALA B 259 2.36 15.73 40.92
C ALA B 259 2.59 17.16 41.37
N ASP B 260 3.19 17.36 42.54
CA ASP B 260 3.35 18.68 43.17
C ASP B 260 4.45 19.46 42.45
N GLY B 261 4.12 19.94 41.27
CA GLY B 261 5.15 20.50 40.42
C GLY B 261 5.87 19.38 39.69
N THR B 262 7.15 19.59 39.43
CA THR B 262 7.96 18.48 38.95
C THR B 262 9.07 18.17 39.94
N ALA B 263 8.69 17.89 41.18
CA ALA B 263 9.61 17.30 42.13
C ALA B 263 9.90 15.85 41.73
N THR B 264 11.01 15.31 42.22
CA THR B 264 11.52 14.03 41.73
C THR B 264 12.04 13.17 42.88
N VAL B 265 11.82 11.86 42.76
CA VAL B 265 12.27 10.85 43.72
C VAL B 265 12.82 9.67 42.93
N ALA B 266 13.87 9.05 43.46
CA ALA B 266 14.74 8.18 42.68
C ALA B 266 14.40 6.70 42.81
N ARG B 267 14.72 5.93 41.75
CA ARG B 267 14.74 4.47 41.78
C ARG B 267 15.91 3.96 40.96
N SER B 268 16.57 2.91 41.48
CA SER B 268 17.75 2.34 40.85
C SER B 268 17.40 1.58 39.58
N THR B 269 18.13 1.84 38.49
CA THR B 269 17.87 1.14 37.24
C THR B 269 18.35 -0.30 37.30
N GLU B 270 19.41 -0.58 38.08
CA GLU B 270 19.80 -1.96 38.32
C GLU B 270 18.69 -2.70 39.06
N ASP B 271 18.04 -2.03 40.00
CA ASP B 271 16.92 -2.62 40.71
C ASP B 271 15.69 -2.73 39.80
N PHE B 272 15.52 -1.76 38.90
CA PHE B 272 14.38 -1.77 37.99
C PHE B 272 14.45 -2.93 37.01
N LEU B 273 15.57 -3.06 36.30
CA LEU B 273 15.70 -4.13 35.31
C LEU B 273 15.73 -5.50 35.95
N ARG B 274 16.09 -5.58 37.23
CA ARG B 274 16.24 -6.87 37.91
C ARG B 274 14.94 -7.66 37.86
N ASP B 275 13.84 -7.07 38.34
CA ASP B 275 12.56 -7.76 38.30
C ASP B 275 11.84 -7.60 36.97
N PHE B 276 12.52 -7.12 35.94
CA PHE B 276 12.00 -7.09 34.58
C PHE B 276 12.47 -8.28 33.76
N ASN B 277 13.31 -9.14 34.35
CA ASN B 277 13.91 -10.25 33.62
C ASN B 277 13.29 -11.59 34.01
N LEU C 6 5.92 21.62 1.65
CA LEU C 6 6.47 20.34 2.11
C LEU C 6 5.60 19.18 1.64
N ARG C 7 4.28 19.28 1.83
CA ARG C 7 3.38 18.29 1.25
C ARG C 7 2.68 18.86 0.03
N LEU C 8 2.39 17.99 -0.91
CA LEU C 8 1.96 18.38 -2.24
C LEU C 8 0.44 18.52 -2.31
N GLN C 9 -0.01 19.38 -3.21
CA GLN C 9 -1.43 19.45 -3.53
C GLN C 9 -1.85 18.17 -4.23
N LYS C 10 -3.11 17.78 -4.04
CA LYS C 10 -3.63 16.54 -4.61
C LYS C 10 -4.89 16.85 -5.40
N ALA C 11 -4.99 16.29 -6.60
CA ALA C 11 -6.16 16.49 -7.45
C ALA C 11 -6.52 15.18 -8.14
N ARG C 12 -7.74 15.15 -8.68
CA ARG C 12 -8.17 14.09 -9.57
C ARG C 12 -8.67 14.73 -10.86
N ALA C 13 -8.46 14.03 -11.97
CA ALA C 13 -8.86 14.56 -13.27
C ALA C 13 -10.35 14.33 -13.46
N THR C 14 -11.04 15.38 -13.88
CA THR C 14 -12.46 15.33 -14.20
C THR C 14 -12.63 15.67 -15.68
N GLU C 15 -13.88 15.60 -16.15
CA GLU C 15 -14.14 16.05 -17.52
C GLU C 15 -13.85 17.55 -17.65
N GLU C 16 -14.15 18.33 -16.61
CA GLU C 16 -13.97 19.77 -16.70
C GLU C 16 -12.51 20.19 -16.50
N GLY C 17 -11.72 19.40 -15.79
CA GLY C 17 -10.34 19.76 -15.54
C GLY C 17 -9.73 19.01 -14.37
N LEU C 18 -9.37 19.73 -13.32
CA LEU C 18 -8.74 19.15 -12.12
C LEU C 18 -9.52 19.58 -10.90
N ALA C 19 -10.03 18.61 -10.15
CA ALA C 19 -10.69 18.88 -8.88
C ALA C 19 -9.68 18.61 -7.77
N PHE C 20 -9.22 19.67 -7.11
CA PHE C 20 -8.23 19.56 -6.06
C PHE C 20 -8.89 19.28 -4.72
N GLU C 21 -8.36 18.31 -4.00
CA GLU C 21 -8.87 17.91 -2.69
C GLU C 21 -8.13 18.59 -1.55
N THR C 22 -7.12 19.39 -1.85
CA THR C 22 -6.32 20.13 -0.91
C THR C 22 -6.51 21.63 -1.14
N PRO C 23 -6.33 22.44 -0.10
CA PRO C 23 -6.77 23.84 -0.17
C PRO C 23 -5.90 24.74 -1.04
N GLY C 24 -4.61 24.42 -1.16
CA GLY C 24 -3.76 25.22 -2.01
C GLY C 24 -4.23 25.28 -3.45
N GLY C 25 -4.87 24.20 -3.91
CA GLY C 25 -5.41 24.14 -5.25
C GLY C 25 -4.34 24.27 -6.32
N LEU C 26 -4.80 24.58 -7.53
CA LEU C 26 -3.88 24.71 -8.67
C LEU C 26 -2.93 25.87 -8.47
N THR C 27 -3.37 26.94 -7.80
CA THR C 27 -2.50 28.09 -7.57
C THR C 27 -1.23 27.67 -6.85
N ARG C 28 -1.37 26.89 -5.78
CA ARG C 28 -0.21 26.44 -5.02
C ARG C 28 0.62 25.43 -5.81
N ALA C 29 -0.04 24.55 -6.58
CA ALA C 29 0.70 23.58 -7.39
C ALA C 29 1.59 24.28 -8.42
N LEU C 30 1.12 25.40 -8.97
CA LEU C 30 1.91 26.13 -9.96
C LEU C 30 3.18 26.70 -9.35
N ARG C 31 3.09 27.21 -8.11
CA ARG C 31 4.30 27.72 -7.48
C ARG C 31 5.18 26.58 -6.96
N ASP C 32 4.58 25.45 -6.58
CA ASP C 32 5.36 24.28 -6.18
C ASP C 32 6.08 23.65 -7.36
N GLY C 33 5.54 23.82 -8.57
CA GLY C 33 6.06 23.13 -9.72
C GLY C 33 5.66 21.68 -9.84
N CYS C 34 4.76 21.19 -8.98
CA CYS C 34 4.37 19.79 -9.03
C CYS C 34 3.12 19.58 -8.17
N PHE C 35 2.46 18.45 -8.39
CA PHE C 35 1.34 18.04 -7.54
C PHE C 35 1.09 16.55 -7.73
N LEU C 36 0.18 16.03 -6.91
CA LEU C 36 -0.22 14.64 -6.94
C LEU C 36 -1.53 14.50 -7.71
N LEU C 37 -1.58 13.52 -8.61
CA LEU C 37 -2.74 13.29 -9.47
C LEU C 37 -3.22 11.86 -9.27
N ALA C 38 -4.47 11.70 -8.89
CA ALA C 38 -5.02 10.35 -8.68
C ALA C 38 -4.93 9.53 -9.96
N VAL C 39 -4.49 8.29 -9.81
CA VAL C 39 -4.49 7.36 -10.95
C VAL C 39 -5.94 7.08 -11.35
N PRO C 40 -6.32 7.27 -12.61
CA PRO C 40 -7.74 7.16 -12.98
C PRO C 40 -8.24 5.74 -12.79
N PRO C 41 -9.53 5.57 -12.53
CA PRO C 41 -10.09 4.22 -12.40
C PRO C 41 -9.81 3.38 -13.65
N GLY C 42 -9.35 2.15 -13.43
CA GLY C 42 -9.09 1.23 -14.53
C GLY C 42 -7.73 1.35 -15.18
N PHE C 43 -6.90 2.30 -14.77
CA PHE C 43 -5.56 2.41 -15.31
C PHE C 43 -4.73 1.23 -14.83
N ASP C 44 -3.99 0.60 -15.76
CA ASP C 44 -3.15 -0.55 -15.44
C ASP C 44 -1.69 -0.12 -15.48
N THR C 45 -1.05 -0.10 -14.32
CA THR C 45 0.37 0.23 -14.23
C THR C 45 1.28 -0.96 -14.52
N THR C 46 0.74 -2.17 -14.61
CA THR C 46 1.59 -3.36 -14.78
C THR C 46 2.55 -3.30 -15.96
N PRO C 47 2.14 -2.87 -17.16
CA PRO C 47 3.12 -2.83 -18.27
C PRO C 47 4.32 -1.95 -17.99
N GLY C 48 4.14 -0.85 -17.26
CA GLY C 48 5.27 0.00 -16.93
C GLY C 48 6.20 -0.65 -15.91
N VAL C 49 5.63 -1.27 -14.89
CA VAL C 49 6.44 -1.98 -13.90
C VAL C 49 7.21 -3.10 -14.58
N THR C 50 6.53 -3.87 -15.42
CA THR C 50 7.21 -4.97 -16.13
C THR C 50 8.33 -4.44 -17.02
N LEU C 51 8.08 -3.36 -17.76
CA LEU C 51 9.12 -2.79 -18.61
C LEU C 51 10.35 -2.39 -17.78
N CYS C 52 10.12 -1.75 -16.63
CA CYS C 52 11.23 -1.29 -15.81
C CYS C 52 12.03 -2.44 -15.21
N ARG C 53 11.41 -3.61 -15.03
CA ARG C 53 12.10 -4.79 -14.53
C ARG C 53 12.83 -5.56 -15.61
N GLU C 54 12.52 -5.34 -16.90
CA GLU C 54 12.97 -6.22 -17.97
C GLU C 54 13.76 -5.56 -19.09
N PHE C 55 13.64 -4.23 -19.28
CA PHE C 55 14.11 -3.64 -20.53
C PHE C 55 15.61 -3.81 -20.72
N PHE C 56 16.37 -3.88 -19.64
CA PHE C 56 17.82 -3.93 -19.72
C PHE C 56 18.35 -5.35 -19.91
N ARG C 57 17.47 -6.35 -20.05
CA ARG C 57 17.89 -7.74 -20.19
C ARG C 57 17.76 -8.20 -21.64
N PRO C 58 18.56 -9.17 -22.07
CA PRO C 58 18.44 -9.66 -23.44
C PRO C 58 17.14 -10.41 -23.67
N VAL C 59 16.73 -10.43 -24.94
CA VAL C 59 15.42 -10.96 -25.30
C VAL C 59 15.25 -12.40 -24.83
N GLU C 60 16.30 -13.21 -24.95
CA GLU C 60 16.19 -14.62 -24.62
C GLU C 60 16.25 -14.91 -23.13
N GLN C 61 16.52 -13.90 -22.29
CA GLN C 61 16.77 -14.12 -20.87
C GLN C 61 15.52 -13.78 -20.05
N GLY C 62 14.53 -14.64 -20.16
CA GLY C 62 13.34 -14.49 -19.34
C GLY C 62 12.21 -15.35 -19.85
N GLY C 63 11.08 -15.23 -19.17
CA GLY C 63 9.89 -15.94 -19.59
C GLY C 63 9.40 -15.47 -20.94
N GLU C 64 8.78 -16.40 -21.66
CA GLU C 64 8.36 -16.13 -23.04
C GLU C 64 7.27 -15.06 -23.11
N SER C 65 6.38 -15.01 -22.12
CA SER C 65 5.25 -14.08 -22.18
C SER C 65 5.69 -12.62 -22.10
N THR C 66 6.90 -12.34 -21.61
CA THR C 66 7.38 -10.98 -21.43
C THR C 66 8.52 -10.63 -22.38
N ARG C 67 8.70 -11.42 -23.45
CA ARG C 67 9.78 -11.20 -24.41
C ARG C 67 9.72 -9.80 -25.04
N ALA C 68 8.52 -9.25 -25.21
CA ALA C 68 8.41 -7.94 -25.84
C ALA C 68 8.90 -6.81 -24.95
N TYR C 69 9.17 -7.08 -23.68
CA TYR C 69 9.64 -6.06 -22.73
C TYR C 69 11.14 -6.08 -22.56
N ARG C 70 11.86 -6.95 -23.26
CA ARG C 70 13.30 -7.10 -23.12
C ARG C 70 14.00 -6.68 -24.41
N GLY C 71 15.32 -6.54 -24.31
CA GLY C 71 16.17 -6.31 -25.47
C GLY C 71 16.33 -4.87 -25.92
N PHE C 72 15.98 -3.91 -25.07
CA PHE C 72 16.04 -2.52 -25.51
C PHE C 72 17.48 -1.99 -25.61
N ARG C 73 18.45 -2.67 -24.97
CA ARG C 73 19.85 -2.32 -25.18
C ARG C 73 20.27 -2.51 -26.63
N ASP C 74 19.58 -3.36 -27.38
CA ASP C 74 19.97 -3.69 -28.74
C ASP C 74 19.24 -2.87 -29.80
N LEU C 75 18.41 -1.92 -29.38
CA LEU C 75 17.79 -1.00 -30.32
C LEU C 75 18.76 0.15 -30.61
N ASP C 76 18.32 1.15 -31.36
CA ASP C 76 19.15 2.27 -31.76
C ASP C 76 18.67 3.53 -31.06
N GLY C 77 19.53 4.14 -30.24
CA GLY C 77 19.28 5.46 -29.71
C GLY C 77 18.14 5.58 -28.71
N VAL C 78 17.70 4.47 -28.11
CA VAL C 78 16.66 4.52 -27.09
C VAL C 78 17.14 4.09 -25.71
N TYR C 79 18.25 3.36 -25.61
CA TYR C 79 18.78 2.94 -24.32
C TYR C 79 19.95 3.84 -23.91
N PHE C 80 19.97 4.23 -22.65
CA PHE C 80 20.99 5.14 -22.14
C PHE C 80 21.53 4.61 -20.83
N ASP C 81 22.80 4.25 -20.81
CA ASP C 81 23.52 3.88 -19.60
C ASP C 81 24.56 4.97 -19.35
N ARG C 82 24.31 5.80 -18.34
CA ARG C 82 25.22 6.84 -17.95
C ARG C 82 25.90 6.44 -16.65
N GLU C 83 27.15 6.82 -16.49
CA GLU C 83 27.74 6.63 -15.18
C GLU C 83 27.89 7.99 -14.51
N HIS C 84 28.55 7.99 -13.35
CA HIS C 84 28.38 8.98 -12.30
C HIS C 84 26.99 8.91 -11.68
N PHE C 85 26.10 8.03 -12.18
CA PHE C 85 24.74 7.93 -11.65
C PHE C 85 24.25 6.50 -11.70
N GLN C 86 23.24 6.22 -10.87
CA GLN C 86 22.68 4.87 -10.76
C GLN C 86 21.75 4.51 -11.91
N THR C 87 21.17 5.49 -12.59
CA THR C 87 20.09 5.23 -13.51
C THR C 87 20.59 4.71 -14.86
N GLU C 88 19.91 3.69 -15.36
CA GLU C 88 19.90 3.33 -16.78
C GLU C 88 18.46 3.43 -17.25
N HIS C 89 18.24 3.79 -18.51
CA HIS C 89 16.86 4.03 -18.87
C HIS C 89 16.61 3.85 -20.36
N VAL C 90 15.32 3.66 -20.67
CA VAL C 90 14.79 3.74 -22.02
C VAL C 90 14.16 5.12 -22.17
N LEU C 91 14.47 5.79 -23.28
CA LEU C 91 13.80 7.04 -23.66
C LEU C 91 13.37 6.91 -25.12
N ILE C 92 12.07 6.97 -25.36
CA ILE C 92 11.51 6.59 -26.66
C ILE C 92 10.35 7.52 -26.99
N ASP C 93 10.24 7.88 -28.28
CA ASP C 93 9.20 8.79 -28.72
C ASP C 93 7.99 7.99 -29.23
N GLY C 94 7.00 8.71 -29.73
CA GLY C 94 5.78 8.11 -30.24
C GLY C 94 6.00 7.07 -31.31
N PRO C 95 6.64 7.45 -32.42
CA PRO C 95 6.92 6.45 -33.47
C PRO C 95 7.71 5.25 -32.97
N GLY C 96 8.65 5.48 -32.05
CA GLY C 96 9.39 4.37 -31.48
C GLY C 96 8.52 3.39 -30.72
N ARG C 97 7.56 3.90 -29.94
CA ARG C 97 6.66 3.01 -29.21
C ARG C 97 5.79 2.22 -30.17
N GLU C 98 5.39 2.83 -31.28
CA GLU C 98 4.55 2.14 -32.26
C GLU C 98 5.24 0.89 -32.81
N ARG C 99 6.55 0.93 -32.96
CA ARG C 99 7.26 -0.19 -33.55
C ARG C 99 7.95 -1.09 -32.54
N HIS C 100 8.13 -0.65 -31.28
CA HIS C 100 8.87 -1.43 -30.31
C HIS C 100 8.13 -1.75 -29.02
N PHE C 101 7.00 -1.10 -28.73
CA PHE C 101 6.27 -1.47 -27.52
C PHE C 101 5.15 -2.46 -27.83
N PRO C 102 4.90 -3.44 -26.97
CA PRO C 102 3.74 -4.31 -27.14
C PRO C 102 2.46 -3.53 -26.92
N PRO C 103 1.31 -4.01 -27.41
CA PRO C 103 0.10 -3.17 -27.41
C PRO C 103 -0.34 -2.71 -26.03
N GLU C 104 -0.25 -3.56 -25.01
CA GLU C 104 -0.74 -3.17 -23.69
C GLU C 104 0.15 -2.09 -23.07
N LEU C 105 1.45 -2.08 -23.40
CA LEU C 105 2.36 -1.03 -22.93
C LEU C 105 2.15 0.25 -23.72
N ARG C 106 1.95 0.14 -25.04
CA ARG C 106 1.62 1.32 -25.84
C ARG C 106 0.37 2.00 -25.31
N ARG C 107 -0.65 1.21 -24.96
CA ARG C 107 -1.91 1.77 -24.47
C ARG C 107 -1.72 2.53 -23.17
N MET C 108 -1.00 1.94 -22.23
CA MET C 108 -0.74 2.62 -20.97
C MET C 108 0.03 3.92 -21.18
N ALA C 109 1.02 3.93 -22.09
CA ALA C 109 1.75 5.18 -22.36
C ALA C 109 0.85 6.23 -22.99
N GLU C 110 -0.03 5.81 -23.91
CA GLU C 110 -1.03 6.71 -24.49
C GLU C 110 -1.93 7.31 -23.42
N HIS C 111 -2.36 6.49 -22.46
CA HIS C 111 -3.21 6.98 -21.38
C HIS C 111 -2.49 8.01 -20.52
N MET C 112 -1.21 7.78 -20.22
CA MET C 112 -0.45 8.75 -19.44
C MET C 112 -0.26 10.04 -20.22
N HIS C 113 -0.01 9.96 -21.53
CA HIS C 113 0.11 11.17 -22.33
C HIS C 113 -1.22 11.89 -22.42
N GLU C 114 -2.33 11.15 -22.49
CA GLU C 114 -3.64 11.79 -22.48
C GLU C 114 -3.86 12.57 -21.19
N LEU C 115 -3.47 11.99 -20.05
CA LEU C 115 -3.57 12.73 -18.79
C LEU C 115 -2.68 13.96 -18.80
N ALA C 116 -1.45 13.81 -19.29
CA ALA C 116 -0.55 14.97 -19.31
C ALA C 116 -1.12 16.09 -20.17
N ARG C 117 -1.71 15.75 -21.32
CA ARG C 117 -2.33 16.80 -22.13
C ARG C 117 -3.54 17.40 -21.44
N HIS C 118 -4.30 16.58 -20.73
CA HIS C 118 -5.44 17.08 -19.96
C HIS C 118 -5.00 18.08 -18.91
N VAL C 119 -3.90 17.79 -18.22
CA VAL C 119 -3.34 18.75 -17.26
C VAL C 119 -2.93 20.04 -17.96
N LEU C 120 -2.26 19.91 -19.11
CA LEU C 120 -1.83 21.07 -19.88
C LEU C 120 -3.01 21.95 -20.27
N ARG C 121 -4.10 21.34 -20.75
CA ARG C 121 -5.28 22.12 -21.12
C ARG C 121 -5.92 22.77 -19.90
N THR C 122 -5.92 22.08 -18.76
CA THR C 122 -6.53 22.63 -17.56
C THR C 122 -5.76 23.85 -17.06
N VAL C 123 -4.44 23.78 -17.05
CA VAL C 123 -3.63 24.90 -16.61
C VAL C 123 -3.79 26.09 -17.55
N LEU C 124 -3.74 25.83 -18.87
CA LEU C 124 -3.95 26.90 -19.85
C LEU C 124 -5.32 27.56 -19.65
N THR C 125 -6.34 26.77 -19.34
CA THR C 125 -7.66 27.34 -19.09
C THR C 125 -7.64 28.22 -17.84
N GLU C 126 -7.06 27.70 -16.75
CA GLU C 126 -7.03 28.42 -15.50
C GLU C 126 -6.20 29.70 -15.59
N LEU C 127 -5.17 29.69 -16.42
CA LEU C 127 -4.32 30.87 -16.58
C LEU C 127 -4.93 31.89 -17.55
N GLY C 128 -6.07 31.59 -18.14
CA GLY C 128 -6.73 32.56 -19.02
C GLY C 128 -6.15 32.65 -20.41
N VAL C 129 -5.41 31.64 -20.86
CA VAL C 129 -4.86 31.66 -22.21
C VAL C 129 -5.99 31.43 -23.20
N ALA C 130 -6.08 32.29 -24.21
CA ALA C 130 -7.15 32.21 -25.19
C ALA C 130 -7.23 30.82 -25.79
N ARG C 131 -8.42 30.22 -25.74
CA ARG C 131 -8.62 28.88 -26.28
C ARG C 131 -8.12 28.77 -27.71
N GLU C 132 -8.36 29.80 -28.51
CA GLU C 132 -7.99 29.77 -29.93
C GLU C 132 -6.48 29.85 -30.15
N LEU C 133 -5.68 30.02 -29.10
CA LEU C 133 -4.24 30.15 -29.23
C LEU C 133 -3.48 28.98 -28.61
N TRP C 134 -4.18 28.02 -27.99
CA TRP C 134 -3.50 26.91 -27.30
C TRP C 134 -2.57 26.16 -28.23
N SER C 135 -3.05 25.82 -29.44
CA SER C 135 -2.22 25.05 -30.35
C SER C 135 -0.97 25.83 -30.75
N GLU C 136 -1.13 27.12 -31.03
CA GLU C 136 0.00 27.95 -31.42
C GLU C 136 1.01 28.12 -30.30
N VAL C 137 0.54 28.41 -29.08
CA VAL C 137 1.48 28.68 -27.99
C VAL C 137 2.29 27.43 -27.64
N THR C 138 1.72 26.25 -27.83
CA THR C 138 2.37 25.00 -27.44
C THR C 138 2.92 24.23 -28.64
N GLY C 139 2.85 24.80 -29.85
CA GLY C 139 3.33 24.10 -31.02
C GLY C 139 2.54 22.84 -31.33
N GLY C 140 1.28 22.80 -30.94
CA GLY C 140 0.46 21.61 -31.12
C GLY C 140 0.63 20.55 -30.06
N ALA C 141 1.49 20.77 -29.07
CA ALA C 141 1.65 19.79 -28.00
C ALA C 141 0.35 19.58 -27.25
N VAL C 142 -0.47 20.63 -27.14
CA VAL C 142 -1.74 20.55 -26.44
C VAL C 142 -2.71 19.61 -27.13
N ASP C 143 -2.52 19.37 -28.43
CA ASP C 143 -3.38 18.50 -29.21
C ASP C 143 -2.80 17.11 -29.42
N GLY C 144 -1.63 16.84 -28.85
CA GLY C 144 -0.99 15.56 -29.06
C GLY C 144 -0.05 15.49 -30.23
N ARG C 145 0.38 16.63 -30.78
CA ARG C 145 1.29 16.65 -31.91
C ARG C 145 2.64 17.26 -31.57
N GLY C 146 2.97 17.39 -30.29
CA GLY C 146 4.32 17.67 -29.87
C GLY C 146 5.12 16.38 -29.86
N THR C 147 6.34 16.47 -29.32
CA THR C 147 7.13 15.26 -29.08
C THR C 147 6.65 14.65 -27.76
N GLU C 148 6.20 13.41 -27.82
CA GLU C 148 5.63 12.75 -26.63
C GLU C 148 6.59 11.64 -26.21
N TRP C 149 7.45 11.96 -25.25
CA TRP C 149 8.47 11.04 -24.76
C TRP C 149 7.93 10.13 -23.68
N PHE C 150 8.47 8.91 -23.63
CA PHE C 150 8.21 7.98 -22.54
C PHE C 150 9.56 7.49 -22.01
N ALA C 151 9.73 7.50 -20.70
CA ALA C 151 10.97 7.05 -20.08
C ALA C 151 10.70 5.92 -19.10
N ALA C 152 11.60 4.94 -19.08
CA ALA C 152 11.58 3.86 -18.10
C ALA C 152 12.94 3.85 -17.42
N ASN C 153 12.97 4.06 -16.11
CA ASN C 153 14.20 4.26 -15.36
C ASN C 153 14.42 3.09 -14.41
N HIS C 154 15.61 2.51 -14.45
CA HIS C 154 16.03 1.49 -13.50
C HIS C 154 17.20 2.04 -12.71
N TYR C 155 17.04 2.13 -11.39
CA TYR C 155 18.07 2.66 -10.51
C TYR C 155 18.90 1.51 -9.98
N ARG C 156 20.13 1.38 -10.49
CA ARG C 156 21.04 0.31 -10.09
C ARG C 156 21.66 0.68 -8.75
N SER C 157 21.07 0.17 -7.66
CA SER C 157 21.54 0.51 -6.33
C SER C 157 22.94 -0.04 -6.05
N GLU C 158 23.41 -0.99 -6.85
CA GLU C 158 24.77 -1.50 -6.70
C GLU C 158 25.82 -0.43 -6.95
N ARG C 159 25.47 0.64 -7.66
CA ARG C 159 26.42 1.70 -7.98
C ARG C 159 26.43 2.73 -6.87
N ASP C 160 27.63 3.07 -6.40
CA ASP C 160 27.81 4.04 -5.32
C ASP C 160 27.83 5.46 -5.91
N ARG C 161 26.66 5.88 -6.39
CA ARG C 161 26.51 7.14 -7.11
C ARG C 161 25.14 7.73 -6.78
N LEU C 162 24.99 9.01 -7.12
CA LEU C 162 23.68 9.64 -7.04
C LEU C 162 22.69 8.93 -7.97
N GLY C 163 21.42 8.93 -7.58
CA GLY C 163 20.43 8.21 -8.36
C GLY C 163 20.22 8.81 -9.74
N CYS C 164 20.01 10.12 -9.79
CA CYS C 164 19.71 10.82 -11.02
C CYS C 164 20.20 12.25 -10.91
N ALA C 165 20.77 12.77 -11.99
CA ALA C 165 21.34 14.11 -11.99
C ALA C 165 20.25 15.16 -11.76
N PRO C 166 20.58 16.27 -11.08
CA PRO C 166 19.60 17.35 -10.94
C PRO C 166 19.29 17.94 -12.31
N HIS C 167 18.02 18.28 -12.52
CA HIS C 167 17.61 18.77 -13.83
C HIS C 167 16.21 19.34 -13.75
N LYS C 168 15.86 20.11 -14.78
CA LYS C 168 14.48 20.45 -15.08
C LYS C 168 14.06 19.67 -16.31
N ASP C 169 12.84 19.14 -16.29
CA ASP C 169 12.29 18.56 -17.50
C ASP C 169 12.14 19.65 -18.57
N THR C 170 12.37 19.29 -19.84
CA THR C 170 12.43 20.30 -20.88
C THR C 170 11.06 20.73 -21.41
N GLY C 171 10.03 19.93 -21.22
CA GLY C 171 8.77 20.10 -21.94
C GLY C 171 7.73 20.90 -21.17
N PHE C 172 6.46 20.53 -21.36
CA PHE C 172 5.36 21.21 -20.69
C PHE C 172 4.91 20.48 -19.42
N VAL C 173 4.47 19.23 -19.55
CA VAL C 173 3.90 18.47 -18.43
C VAL C 173 4.49 17.07 -18.41
N THR C 174 4.85 16.61 -17.21
CA THR C 174 5.36 15.27 -16.98
C THR C 174 4.42 14.53 -16.03
N VAL C 175 4.06 13.31 -16.37
CA VAL C 175 3.28 12.43 -15.50
C VAL C 175 4.19 11.26 -15.12
N LEU C 176 4.47 11.12 -13.84
CA LEU C 176 5.49 10.22 -13.33
C LEU C 176 4.88 9.20 -12.38
N TYR C 177 5.25 7.94 -12.54
CA TYR C 177 4.85 6.88 -11.62
C TYR C 177 6.05 6.49 -10.78
N ILE C 178 5.93 6.63 -9.46
CA ILE C 178 6.92 6.16 -8.50
C ILE C 178 6.21 5.43 -7.37
N GLU C 179 6.92 4.45 -6.79
CA GLU C 179 6.45 3.73 -5.62
C GLU C 179 7.35 3.89 -4.40
N GLU C 180 8.49 4.56 -4.54
CA GLU C 180 9.52 4.58 -3.51
C GLU C 180 10.03 6.01 -3.38
N GLY C 181 10.50 6.35 -2.17
CA GLY C 181 11.13 7.63 -1.96
C GLY C 181 12.42 7.78 -2.74
N GLY C 182 12.97 8.99 -2.70
CA GLY C 182 14.23 9.25 -3.39
C GLY C 182 14.21 10.52 -4.21
N LEU C 183 13.06 10.81 -4.81
CA LEU C 183 12.89 12.06 -5.55
C LEU C 183 12.96 13.26 -4.60
N GLU C 184 13.65 14.31 -5.04
CA GLU C 184 13.80 15.53 -4.25
C GLU C 184 13.68 16.74 -5.17
N ALA C 185 13.13 17.82 -4.63
CA ALA C 185 12.94 19.06 -5.37
C ALA C 185 13.70 20.18 -4.68
N ALA C 186 14.26 21.09 -5.49
CA ALA C 186 14.96 22.25 -4.96
C ALA C 186 13.94 23.33 -4.60
N THR C 187 13.82 23.61 -3.31
CA THR C 187 12.92 24.65 -2.81
C THR C 187 13.71 25.55 -1.88
N GLY C 188 13.71 26.85 -2.16
CA GLY C 188 14.60 27.74 -1.46
C GLY C 188 16.04 27.42 -1.79
N GLY C 189 16.83 27.09 -0.77
CA GLY C 189 18.23 26.80 -1.00
C GLY C 189 18.62 25.35 -0.84
N SER C 190 17.67 24.49 -0.46
CA SER C 190 17.97 23.10 -0.18
C SER C 190 17.00 22.19 -0.93
N TRP C 191 17.18 20.89 -0.72
CA TRP C 191 16.37 19.86 -1.37
C TRP C 191 15.26 19.41 -0.44
N THR C 192 14.08 19.17 -1.01
CA THR C 192 12.90 18.77 -0.27
C THR C 192 12.38 17.46 -0.84
N PRO C 193 12.03 16.49 0.01
CA PRO C 193 11.60 15.18 -0.51
C PRO C 193 10.25 15.25 -1.20
N VAL C 194 10.13 14.52 -2.30
CA VAL C 194 8.87 14.30 -2.99
C VAL C 194 8.60 12.80 -2.89
N ASP C 195 7.78 12.42 -1.91
CA ASP C 195 7.50 11.03 -1.59
C ASP C 195 6.26 10.52 -2.32
N PRO C 196 6.25 9.25 -2.69
CA PRO C 196 5.09 8.70 -3.38
C PRO C 196 3.90 8.56 -2.44
N VAL C 197 2.71 8.69 -3.00
CA VAL C 197 1.46 8.53 -2.27
C VAL C 197 0.67 7.41 -2.95
N PRO C 198 0.19 6.42 -2.23
CA PRO C 198 -0.59 5.33 -2.84
C PRO C 198 -1.71 5.89 -3.72
N GLY C 199 -1.85 5.28 -4.91
CA GLY C 199 -2.93 5.63 -5.80
C GLY C 199 -2.79 6.93 -6.55
N CYS C 200 -1.57 7.48 -6.65
CA CYS C 200 -1.35 8.77 -7.27
C CYS C 200 -0.13 8.73 -8.19
N PHE C 201 -0.19 9.52 -9.26
CA PHE C 201 0.99 9.91 -10.02
C PHE C 201 1.59 11.17 -9.40
N VAL C 202 2.85 11.43 -9.74
CA VAL C 202 3.45 12.74 -9.54
C VAL C 202 3.43 13.48 -10.88
N VAL C 203 2.92 14.70 -10.87
CA VAL C 203 2.90 15.55 -12.06
C VAL C 203 3.84 16.71 -11.80
N ASN C 204 4.72 17.00 -12.76
CA ASN C 204 5.53 18.20 -12.65
C ASN C 204 5.54 18.92 -14.00
N PHE C 205 5.93 20.19 -13.96
CA PHE C 205 5.97 21.02 -15.15
C PHE C 205 7.41 21.20 -15.59
N GLY C 206 7.59 21.46 -16.89
CA GLY C 206 8.91 21.56 -17.48
C GLY C 206 9.26 22.98 -17.93
N GLY C 207 10.49 23.09 -18.45
CA GLY C 207 11.01 24.40 -18.81
C GLY C 207 10.19 25.13 -19.87
N ALA C 208 9.56 24.39 -20.78
CA ALA C 208 8.79 25.06 -21.82
C ALA C 208 7.56 25.75 -21.24
N PHE C 209 6.91 25.13 -20.25
CA PHE C 209 5.75 25.76 -19.62
C PHE C 209 6.18 27.00 -18.83
N GLU C 210 7.33 26.92 -18.17
CA GLU C 210 7.88 28.06 -17.45
C GLU C 210 8.19 29.21 -18.40
N LEU C 211 8.83 28.90 -19.54
CA LEU C 211 9.13 29.93 -20.52
C LEU C 211 7.85 30.59 -21.04
N LEU C 212 6.80 29.79 -21.27
CA LEU C 212 5.56 30.30 -21.84
C LEU C 212 4.86 31.29 -20.90
N THR C 213 5.04 31.15 -19.59
CA THR C 213 4.15 31.80 -18.63
C THR C 213 4.86 32.76 -17.66
N SER C 214 6.14 33.05 -17.86
CA SER C 214 6.89 33.79 -16.85
C SER C 214 6.34 35.19 -16.60
N GLY C 215 5.56 35.74 -17.53
CA GLY C 215 4.98 37.05 -17.38
C GLY C 215 3.56 37.09 -16.86
N LEU C 216 2.99 35.96 -16.47
CA LEU C 216 1.60 35.90 -16.04
C LEU C 216 1.49 36.09 -14.53
N ASP C 217 0.24 36.29 -14.06
CA ASP C 217 -0.01 36.48 -12.64
C ASP C 217 0.39 35.27 -11.82
N ARG C 218 0.35 34.08 -12.43
CA ARG C 218 0.71 32.84 -11.75
C ARG C 218 1.64 32.05 -12.67
N PRO C 219 2.92 32.44 -12.74
CA PRO C 219 3.86 31.70 -13.60
C PRO C 219 3.92 30.23 -13.21
N VAL C 220 4.08 29.39 -14.23
CA VAL C 220 4.30 27.96 -14.00
C VAL C 220 5.79 27.75 -13.73
N ARG C 221 6.11 27.15 -12.59
CA ARG C 221 7.49 26.88 -12.22
C ARG C 221 7.89 25.51 -12.74
N ALA C 222 9.03 25.44 -13.41
CA ALA C 222 9.61 24.17 -13.84
C ALA C 222 10.41 23.55 -12.69
N LEU C 223 9.96 22.39 -12.23
CA LEU C 223 10.53 21.77 -11.05
C LEU C 223 11.99 21.35 -11.30
N LEU C 224 12.88 21.85 -10.46
CA LEU C 224 14.26 21.38 -10.43
C LEU C 224 14.33 20.20 -9.46
N HIS C 225 14.73 19.03 -9.97
CA HIS C 225 14.62 17.84 -9.15
C HIS C 225 15.77 16.87 -9.43
N ARG C 226 15.97 15.97 -8.49
CA ARG C 226 17.01 14.95 -8.55
C ARG C 226 16.51 13.73 -7.79
N VAL C 227 17.20 12.60 -7.98
CA VAL C 227 16.94 11.39 -7.21
C VAL C 227 18.20 11.07 -6.41
N ARG C 228 18.08 11.06 -5.09
CA ARG C 228 19.23 10.79 -4.25
C ARG C 228 19.66 9.34 -4.42
N GLN C 229 20.89 9.05 -3.97
CA GLN C 229 21.43 7.70 -4.07
C GLN C 229 20.51 6.71 -3.37
N CYS C 230 20.14 5.65 -4.07
CA CYS C 230 19.30 4.61 -3.50
C CYS C 230 20.14 3.68 -2.62
N ALA C 231 19.58 3.27 -1.49
CA ALA C 231 20.27 2.33 -0.62
C ALA C 231 20.38 0.97 -1.32
N PRO C 232 21.45 0.20 -1.04
CA PRO C 232 21.62 -1.08 -1.73
C PRO C 232 20.56 -2.09 -1.32
N ARG C 233 20.06 -2.82 -2.30
CA ARG C 233 19.09 -3.88 -2.06
C ARG C 233 19.13 -4.83 -3.26
N PRO C 234 18.49 -6.00 -3.17
CA PRO C 234 18.51 -6.94 -4.29
C PRO C 234 18.02 -6.29 -5.58
N GLU C 235 18.62 -6.70 -6.70
CA GLU C 235 18.32 -6.10 -8.00
C GLU C 235 16.83 -6.15 -8.30
N SER C 236 16.16 -7.25 -7.94
CA SER C 236 14.74 -7.38 -8.21
C SER C 236 13.89 -6.35 -7.48
N ALA C 237 14.46 -5.68 -6.48
CA ALA C 237 13.76 -4.64 -5.71
C ALA C 237 14.40 -3.27 -5.89
N ASP C 238 15.16 -3.06 -6.97
CA ASP C 238 15.71 -1.75 -7.25
C ASP C 238 14.59 -0.72 -7.43
N ARG C 239 14.91 0.54 -7.14
CA ARG C 239 13.98 1.62 -7.42
C ARG C 239 13.77 1.74 -8.93
N PHE C 240 12.53 2.03 -9.32
CA PHE C 240 12.21 2.25 -10.73
C PHE C 240 11.24 3.41 -10.83
N SER C 241 11.12 3.95 -12.04
CA SER C 241 10.05 4.89 -12.33
C SER C 241 9.82 4.90 -13.83
N PHE C 242 8.63 5.33 -14.23
CA PHE C 242 8.36 5.56 -15.64
C PHE C 242 7.48 6.80 -15.77
N ALA C 243 7.61 7.47 -16.90
CA ALA C 243 7.03 8.80 -17.03
C ALA C 243 6.68 9.08 -18.48
N ALA C 244 5.63 9.87 -18.68
CA ALA C 244 5.24 10.37 -19.98
C ALA C 244 5.42 11.89 -19.98
N PHE C 245 6.13 12.40 -20.98
CA PHE C 245 6.44 13.82 -21.11
C PHE C 245 5.76 14.36 -22.35
N VAL C 246 5.07 15.50 -22.21
CA VAL C 246 4.50 16.21 -23.35
C VAL C 246 5.39 17.40 -23.63
N ASN C 247 6.12 17.34 -24.73
CA ASN C 247 7.08 18.37 -25.13
C ASN C 247 6.60 19.10 -26.37
N PRO C 248 7.13 20.30 -26.62
CA PRO C 248 6.91 20.94 -27.93
C PRO C 248 7.53 20.09 -29.04
N PRO C 249 7.07 20.24 -30.28
CA PRO C 249 7.73 19.56 -31.38
C PRO C 249 9.16 20.04 -31.52
N PRO C 250 10.03 19.28 -32.21
CA PRO C 250 11.43 19.70 -32.31
C PRO C 250 11.64 20.89 -33.24
N THR C 251 10.70 21.15 -34.16
CA THR C 251 10.81 22.27 -35.08
C THR C 251 9.75 23.30 -34.77
N GLY C 252 10.14 24.57 -34.80
CA GLY C 252 9.19 25.67 -34.78
C GLY C 252 9.44 26.62 -33.63
N ASP C 253 8.59 27.65 -33.57
CA ASP C 253 8.60 28.65 -32.52
C ASP C 253 7.58 28.31 -31.45
N LEU C 254 7.88 28.68 -30.21
CA LEU C 254 6.91 28.74 -29.14
C LEU C 254 6.58 30.21 -28.86
N TYR C 255 5.35 30.46 -28.40
CA TYR C 255 4.89 31.83 -28.19
C TYR C 255 4.64 32.07 -26.70
N ARG C 256 5.46 32.94 -26.12
CA ARG C 256 5.20 33.51 -24.80
C ARG C 256 3.82 34.16 -24.75
N VAL C 257 3.12 34.02 -23.63
CA VAL C 257 1.81 34.62 -23.45
C VAL C 257 1.93 35.85 -22.56
N GLY C 258 1.34 36.96 -22.99
CA GLY C 258 1.31 38.15 -22.19
C GLY C 258 0.15 38.16 -21.22
N ALA C 259 0.27 38.99 -20.19
CA ALA C 259 -0.82 39.13 -19.22
C ALA C 259 -2.07 39.69 -19.89
N ASP C 260 -1.92 40.37 -21.03
CA ASP C 260 -3.07 40.80 -21.82
C ASP C 260 -3.86 39.63 -22.37
N GLY C 261 -3.27 38.44 -22.45
CA GLY C 261 -3.96 37.23 -22.83
C GLY C 261 -3.45 36.57 -24.09
N THR C 262 -2.68 37.28 -24.92
CA THR C 262 -2.38 36.82 -26.26
C THR C 262 -0.98 36.24 -26.39
N ALA C 263 -0.83 35.29 -27.30
CA ALA C 263 0.46 34.77 -27.72
C ALA C 263 1.27 35.88 -28.37
N THR C 264 2.22 36.45 -27.63
CA THR C 264 2.93 37.62 -28.11
C THR C 264 4.23 37.27 -28.81
N VAL C 265 5.32 37.26 -28.06
CA VAL C 265 6.65 37.11 -28.65
C VAL C 265 6.93 35.64 -28.92
N ALA C 266 7.54 35.36 -30.07
CA ALA C 266 7.87 34.00 -30.44
C ALA C 266 9.23 33.61 -29.89
N ARG C 267 9.33 32.38 -29.41
CA ARG C 267 10.57 31.87 -28.81
C ARG C 267 11.04 30.64 -29.57
N SER C 268 12.27 30.71 -30.08
CA SER C 268 12.81 29.65 -30.92
C SER C 268 13.10 28.40 -30.10
N THR C 269 12.55 27.26 -30.53
CA THR C 269 12.77 26.01 -29.81
C THR C 269 14.23 25.58 -29.88
N GLU C 270 14.87 25.80 -31.02
CA GLU C 270 16.29 25.45 -31.16
C GLU C 270 17.15 26.24 -30.18
N ASP C 271 16.89 27.54 -30.05
CA ASP C 271 17.59 28.35 -29.05
C ASP C 271 17.29 27.84 -27.64
N PHE C 272 16.01 27.57 -27.37
CA PHE C 272 15.60 27.20 -26.01
C PHE C 272 16.34 25.96 -25.53
N LEU C 273 16.31 24.88 -26.33
CA LEU C 273 17.02 23.67 -25.97
C LEU C 273 18.54 23.85 -26.00
N ARG C 274 19.04 24.82 -26.78
CA ARG C 274 20.48 25.06 -26.82
C ARG C 274 20.99 25.54 -25.48
N ASP C 275 20.27 26.47 -24.85
CA ASP C 275 20.64 26.97 -23.54
C ASP C 275 20.33 25.99 -22.42
N PHE C 276 19.54 24.95 -22.69
CA PHE C 276 19.10 24.05 -21.62
C PHE C 276 20.26 23.18 -21.12
N ASN C 277 20.96 22.52 -22.04
CA ASN C 277 22.05 21.63 -21.65
C ASN C 277 23.17 21.61 -22.69
FE FE2 D . -17.72 -13.50 -9.31
C1 AKG E . -15.11 -14.95 -8.54
O1 AKG E . -14.24 -15.72 -8.08
O2 AKG E . -16.32 -15.26 -8.52
C2 AKG E . -14.70 -13.66 -9.11
O5 AKG E . -15.47 -12.96 -9.77
C3 AKG E . -13.29 -13.15 -8.91
C4 AKG E . -13.20 -11.74 -9.51
C5 AKG E . -11.78 -11.23 -9.40
O3 AKG E . -11.61 -10.03 -9.13
O4 AKG E . -10.82 -12.02 -9.60
C1 GOL F . -21.31 -19.16 -6.74
O1 GOL F . -20.78 -18.25 -7.67
C2 GOL F . -20.43 -20.40 -6.59
O2 GOL F . -19.07 -20.04 -6.67
C3 GOL F . -20.79 -21.37 -7.70
O3 GOL F . -22.19 -21.39 -7.88
FE FE2 G . 8.36 -4.93 22.09
C1 AKG H . 10.13 -5.76 19.73
O1 AKG H . 11.06 -5.84 18.90
O2 AKG H . 10.36 -5.45 20.92
C2 AKG H . 8.75 -6.06 19.30
O5 AKG H . 7.81 -5.98 20.06
C3 AKG H . 8.46 -6.49 17.88
C4 AKG H . 6.99 -6.19 17.62
C5 AKG H . 6.60 -6.69 16.24
O3 AKG H . 7.35 -7.50 15.64
O4 AKG H . 5.53 -6.28 15.76
FE FE2 I . 12.69 14.57 -14.56
C1 AKG J . 12.76 11.53 -15.16
O1 AKG J . 12.58 10.41 -15.70
O2 AKG J . 12.91 12.55 -15.87
C2 AKG J . 12.79 11.63 -13.70
O5 AKG J . 13.16 12.65 -13.14
C3 AKG J . 12.38 10.44 -12.85
C4 AKG J . 12.42 10.85 -11.38
C5 AKG J . 12.23 9.64 -10.49
O3 AKG J . 11.63 9.79 -9.41
O4 AKG J . 12.71 8.54 -10.85
C1 GOL K . 12.40 15.95 -20.23
O1 GOL K . 13.20 17.10 -20.12
C2 GOL K . 13.30 14.78 -20.55
O2 GOL K . 12.71 14.01 -21.58
C3 GOL K . 13.40 13.95 -19.27
O3 GOL K . 13.91 14.74 -18.21
#